data_4A4F
#
_entry.id   4A4F
#
_cell.length_a   1.000
_cell.length_b   1.000
_cell.length_c   1.000
_cell.angle_alpha   90.00
_cell.angle_beta   90.00
_cell.angle_gamma   90.00
#
_symmetry.space_group_name_H-M   'P 1'
#
loop_
_entity.id
_entity.type
_entity.pdbx_description
1 polymer 'SURVIVAL OF MOTOR NEURON-RELATED-SPLICING FACTOR 30'
2 non-polymer 'N3, N4-DIMETHYLARGININE'
#
_entity_poly.entity_id   1
_entity_poly.type   'polypeptide(L)'
_entity_poly.pdbx_seq_one_letter_code
;ASTQPTHSWKVGDKCMAVWSEDGQCYEAEIEEIDEENGTAAITFAGYGNAEVTPLLNLKPVEEG
;
_entity_poly.pdbx_strand_id   A
#
# COMPACT_ATOMS: atom_id res chain seq x y z
N ALA A 1 -11.32 10.42 -9.74
CA ALA A 1 -11.35 9.06 -9.24
C ALA A 1 -12.79 8.61 -9.10
N SER A 2 -13.03 7.33 -9.19
CA SER A 2 -14.36 6.81 -8.99
C SER A 2 -14.74 6.96 -7.51
N THR A 3 -13.95 6.39 -6.65
CA THR A 3 -14.16 6.57 -5.26
C THR A 3 -13.02 7.45 -4.76
N GLN A 4 -13.34 8.37 -3.89
CA GLN A 4 -12.37 9.25 -3.36
C GLN A 4 -11.89 8.75 -2.02
N PRO A 5 -10.62 8.36 -1.92
CA PRO A 5 -10.04 7.88 -0.69
C PRO A 5 -9.56 9.03 0.21
N THR A 6 -9.65 8.83 1.50
CA THR A 6 -9.15 9.77 2.46
C THR A 6 -7.63 9.65 2.52
N HIS A 7 -7.14 8.47 2.19
CA HIS A 7 -5.73 8.23 2.16
C HIS A 7 -5.17 8.66 0.81
N SER A 8 -4.24 9.57 0.85
CA SER A 8 -3.64 10.10 -0.34
C SER A 8 -2.25 9.52 -0.53
N TRP A 9 -2.11 8.68 -1.52
CA TRP A 9 -0.86 8.02 -1.81
C TRP A 9 -0.43 8.28 -3.24
N LYS A 10 0.87 8.26 -3.49
CA LYS A 10 1.37 8.40 -4.83
C LYS A 10 2.40 7.34 -5.17
N VAL A 11 2.60 7.16 -6.45
CA VAL A 11 3.56 6.20 -6.97
C VAL A 11 4.98 6.58 -6.56
N GLY A 12 5.73 5.60 -6.11
CA GLY A 12 7.12 5.81 -5.76
C GLY A 12 7.32 5.93 -4.28
N ASP A 13 6.23 6.01 -3.57
CA ASP A 13 6.24 6.19 -2.13
C ASP A 13 6.08 4.89 -1.47
N LYS A 14 6.72 4.75 -0.38
CA LYS A 14 6.57 3.61 0.37
C LYS A 14 5.68 3.84 1.54
N CYS A 15 5.02 2.83 1.86
CA CYS A 15 4.01 2.81 2.85
C CYS A 15 4.13 1.52 3.58
N MET A 16 3.32 1.33 4.54
CA MET A 16 3.31 0.08 5.19
C MET A 16 2.05 -0.59 4.78
N ALA A 17 2.15 -1.77 4.34
CA ALA A 17 1.02 -2.48 3.85
C ALA A 17 0.81 -3.67 4.70
N VAL A 18 -0.40 -4.09 4.80
CA VAL A 18 -0.72 -5.23 5.57
C VAL A 18 -0.57 -6.42 4.67
N TRP A 19 0.39 -7.26 4.97
CA TRP A 19 0.64 -8.43 4.19
C TRP A 19 -0.51 -9.36 4.37
N SER A 20 -1.20 -9.63 3.29
CA SER A 20 -2.39 -10.46 3.32
C SER A 20 -2.09 -11.86 3.89
N GLU A 21 -0.85 -12.26 3.81
CA GLU A 21 -0.48 -13.59 4.24
C GLU A 21 -0.27 -13.66 5.75
N ASP A 22 0.28 -12.59 6.33
CA ASP A 22 0.62 -12.62 7.77
C ASP A 22 -0.31 -11.74 8.60
N GLY A 23 -0.95 -10.82 7.93
CA GLY A 23 -1.88 -9.90 8.59
C GLY A 23 -1.19 -8.76 9.32
N GLN A 24 0.09 -8.59 9.07
CA GLN A 24 0.86 -7.53 9.72
C GLN A 24 1.31 -6.51 8.72
N CYS A 25 1.81 -5.40 9.18
CA CYS A 25 2.24 -4.36 8.27
C CYS A 25 3.73 -4.37 8.07
N TYR A 26 4.12 -4.26 6.82
CA TYR A 26 5.50 -4.30 6.40
C TYR A 26 5.72 -3.17 5.43
N GLU A 27 6.94 -2.74 5.26
CA GLU A 27 7.22 -1.65 4.36
C GLU A 27 7.10 -2.10 2.92
N ALA A 28 6.26 -1.43 2.20
CA ALA A 28 6.00 -1.74 0.84
C ALA A 28 5.91 -0.47 0.02
N GLU A 29 6.48 -0.50 -1.14
CA GLU A 29 6.52 0.67 -1.97
C GLU A 29 5.44 0.59 -3.03
N ILE A 30 4.73 1.67 -3.20
CA ILE A 30 3.64 1.77 -4.13
C ILE A 30 4.15 1.85 -5.57
N GLU A 31 3.71 0.91 -6.35
CA GLU A 31 4.09 0.79 -7.74
C GLU A 31 3.07 1.48 -8.63
N GLU A 32 1.80 1.31 -8.30
CA GLU A 32 0.71 1.81 -9.12
C GLU A 32 -0.54 1.96 -8.25
N ILE A 33 -1.38 2.91 -8.58
CA ILE A 33 -2.58 3.18 -7.83
C ILE A 33 -3.80 3.09 -8.74
N ASP A 34 -4.80 2.41 -8.28
CA ASP A 34 -6.06 2.26 -8.96
C ASP A 34 -7.09 3.09 -8.23
N GLU A 35 -7.27 4.30 -8.68
CA GLU A 35 -8.22 5.24 -8.09
C GLU A 35 -9.67 4.80 -8.28
N GLU A 36 -9.88 3.89 -9.21
CA GLU A 36 -11.20 3.38 -9.51
C GLU A 36 -11.75 2.62 -8.29
N ASN A 37 -10.91 1.82 -7.70
CA ASN A 37 -11.27 1.02 -6.54
C ASN A 37 -10.68 1.58 -5.28
N GLY A 38 -9.73 2.47 -5.44
CA GLY A 38 -9.03 3.02 -4.30
C GLY A 38 -8.00 2.02 -3.80
N THR A 39 -7.48 1.22 -4.70
CA THR A 39 -6.51 0.22 -4.32
C THR A 39 -5.16 0.53 -4.93
N ALA A 40 -4.12 0.05 -4.34
CA ALA A 40 -2.79 0.29 -4.84
C ALA A 40 -2.00 -0.99 -4.89
N ALA A 41 -1.17 -1.08 -5.87
CA ALA A 41 -0.30 -2.18 -6.03
C ALA A 41 1.00 -1.83 -5.38
N ILE A 42 1.41 -2.62 -4.44
CA ILE A 42 2.56 -2.33 -3.64
C ILE A 42 3.56 -3.48 -3.68
N THR A 43 4.82 -3.18 -3.58
CA THR A 43 5.86 -4.16 -3.53
C THR A 43 6.55 -4.13 -2.17
N PHE A 44 6.59 -5.27 -1.50
CA PHE A 44 7.22 -5.39 -0.21
C PHE A 44 8.71 -5.31 -0.32
N ALA A 45 9.26 -4.30 0.33
CA ALA A 45 10.67 -4.01 0.28
C ALA A 45 11.47 -5.12 0.94
N GLY A 46 12.49 -5.57 0.27
CA GLY A 46 13.37 -6.57 0.82
C GLY A 46 12.97 -7.97 0.40
N TYR A 47 11.73 -8.31 0.67
CA TYR A 47 11.20 -9.60 0.34
C TYR A 47 10.99 -9.71 -1.17
N GLY A 48 10.40 -8.69 -1.75
CA GLY A 48 10.18 -8.67 -3.17
C GLY A 48 8.91 -9.35 -3.61
N ASN A 49 7.79 -9.04 -2.96
CA ASN A 49 6.48 -9.51 -3.41
C ASN A 49 5.65 -8.33 -3.67
N ALA A 50 4.48 -8.52 -4.22
CA ALA A 50 3.63 -7.43 -4.57
C ALA A 50 2.18 -7.83 -4.42
N GLU A 51 1.37 -6.94 -3.87
CA GLU A 51 -0.04 -7.21 -3.75
C GLU A 51 -0.83 -5.94 -3.98
N VAL A 52 -2.07 -6.08 -4.34
CA VAL A 52 -2.94 -4.95 -4.51
C VAL A 52 -3.79 -4.84 -3.26
N THR A 53 -3.52 -3.83 -2.53
CA THR A 53 -4.17 -3.62 -1.26
C THR A 53 -4.77 -2.21 -1.26
N PRO A 54 -5.98 -2.02 -0.68
CA PRO A 54 -6.62 -0.72 -0.64
C PRO A 54 -5.79 0.32 0.09
N LEU A 55 -5.96 1.57 -0.30
CA LEU A 55 -5.23 2.70 0.28
C LEU A 55 -5.51 2.81 1.77
N LEU A 56 -6.66 2.32 2.18
CA LEU A 56 -7.08 2.31 3.56
C LEU A 56 -6.20 1.35 4.37
N ASN A 57 -5.63 0.37 3.70
CA ASN A 57 -4.76 -0.61 4.34
C ASN A 57 -3.33 -0.17 4.31
N LEU A 58 -3.09 0.97 3.70
CA LEU A 58 -1.77 1.51 3.64
C LEU A 58 -1.56 2.46 4.79
N LYS A 59 -0.47 2.28 5.48
CA LYS A 59 -0.15 3.07 6.63
C LYS A 59 1.07 3.91 6.35
N PRO A 60 1.22 5.05 7.05
CA PRO A 60 2.35 5.92 6.88
C PRO A 60 3.60 5.31 7.49
N VAL A 61 4.71 5.57 6.87
CA VAL A 61 5.97 5.03 7.31
C VAL A 61 6.67 6.00 8.21
N GLU A 62 7.80 5.58 8.69
CA GLU A 62 8.67 6.40 9.46
C GLU A 62 9.87 6.73 8.60
N GLU A 63 10.43 7.92 8.77
CA GLU A 63 11.64 8.36 8.06
C GLU A 63 11.42 8.44 6.53
N GLY A 64 10.20 8.65 6.11
CA GLY A 64 9.92 8.75 4.70
C GLY A 64 8.46 9.00 4.44
N ALA A 1 -12.56 6.83 -7.07
CA ALA A 1 -13.23 5.67 -6.45
C ALA A 1 -14.54 6.11 -5.89
N SER A 2 -15.49 5.20 -5.80
CA SER A 2 -16.76 5.51 -5.20
C SER A 2 -16.55 5.73 -3.72
N THR A 3 -15.87 4.78 -3.12
CA THR A 3 -15.54 4.84 -1.75
C THR A 3 -14.21 5.59 -1.62
N GLN A 4 -14.29 6.88 -1.33
CA GLN A 4 -13.08 7.71 -1.23
C GLN A 4 -12.34 7.41 0.05
N PRO A 5 -11.09 6.97 -0.05
CA PRO A 5 -10.28 6.71 1.11
C PRO A 5 -9.66 8.00 1.67
N THR A 6 -9.39 8.00 2.94
CA THR A 6 -8.82 9.11 3.62
C THR A 6 -7.33 9.25 3.26
N HIS A 7 -6.70 8.13 2.99
CA HIS A 7 -5.31 8.12 2.66
C HIS A 7 -5.07 8.51 1.21
N SER A 8 -4.15 9.41 1.02
CA SER A 8 -3.78 9.88 -0.28
C SER A 8 -2.36 9.42 -0.58
N TRP A 9 -2.22 8.56 -1.57
CA TRP A 9 -0.96 7.95 -1.90
C TRP A 9 -0.59 8.18 -3.35
N LYS A 10 0.70 8.19 -3.62
CA LYS A 10 1.19 8.32 -4.97
C LYS A 10 2.25 7.26 -5.27
N VAL A 11 2.47 7.05 -6.54
CA VAL A 11 3.47 6.11 -7.04
C VAL A 11 4.89 6.52 -6.64
N GLY A 12 5.71 5.53 -6.25
CA GLY A 12 7.10 5.78 -5.93
C GLY A 12 7.29 6.11 -4.47
N ASP A 13 6.23 6.01 -3.73
CA ASP A 13 6.25 6.32 -2.32
C ASP A 13 6.25 5.10 -1.46
N LYS A 14 6.82 5.24 -0.29
CA LYS A 14 6.91 4.18 0.67
C LYS A 14 5.72 4.22 1.59
N CYS A 15 5.18 3.10 1.85
CA CYS A 15 4.07 2.97 2.72
C CYS A 15 4.23 1.67 3.49
N MET A 16 3.33 1.41 4.37
CA MET A 16 3.33 0.16 5.05
C MET A 16 2.03 -0.49 4.74
N ALA A 17 2.10 -1.70 4.33
CA ALA A 17 0.94 -2.42 3.90
C ALA A 17 0.76 -3.61 4.78
N VAL A 18 -0.46 -4.04 4.89
CA VAL A 18 -0.76 -5.21 5.64
C VAL A 18 -0.61 -6.39 4.71
N TRP A 19 0.35 -7.23 4.99
CA TRP A 19 0.61 -8.38 4.17
C TRP A 19 -0.52 -9.32 4.34
N SER A 20 -1.23 -9.54 3.27
CA SER A 20 -2.43 -10.38 3.28
C SER A 20 -2.12 -11.82 3.72
N GLU A 21 -0.86 -12.20 3.66
CA GLU A 21 -0.47 -13.55 4.02
C GLU A 21 -0.25 -13.71 5.50
N ASP A 22 0.17 -12.66 6.15
CA ASP A 22 0.50 -12.78 7.58
C ASP A 22 -0.45 -11.96 8.44
N GLY A 23 -1.12 -11.01 7.83
CA GLY A 23 -2.05 -10.16 8.54
C GLY A 23 -1.35 -9.03 9.30
N GLN A 24 -0.07 -8.86 9.06
CA GLN A 24 0.71 -7.83 9.73
C GLN A 24 1.18 -6.80 8.74
N CYS A 25 1.63 -5.67 9.23
CA CYS A 25 2.04 -4.59 8.36
C CYS A 25 3.55 -4.55 8.18
N TYR A 26 3.95 -4.39 6.94
CA TYR A 26 5.33 -4.41 6.51
C TYR A 26 5.54 -3.26 5.54
N GLU A 27 6.77 -2.83 5.35
CA GLU A 27 7.07 -1.73 4.47
C GLU A 27 6.94 -2.15 3.02
N ALA A 28 6.26 -1.35 2.26
CA ALA A 28 6.06 -1.61 0.87
C ALA A 28 6.08 -0.32 0.08
N GLU A 29 6.50 -0.39 -1.13
CA GLU A 29 6.55 0.78 -1.96
C GLU A 29 5.48 0.68 -3.03
N ILE A 30 4.81 1.77 -3.26
CA ILE A 30 3.72 1.83 -4.21
C ILE A 30 4.22 1.90 -5.64
N GLU A 31 3.78 0.96 -6.42
CA GLU A 31 4.13 0.85 -7.82
C GLU A 31 3.06 1.48 -8.70
N GLU A 32 1.82 1.21 -8.38
CA GLU A 32 0.71 1.66 -9.19
C GLU A 32 -0.52 1.80 -8.32
N ILE A 33 -1.39 2.70 -8.67
CA ILE A 33 -2.61 2.94 -7.91
C ILE A 33 -3.82 2.78 -8.82
N ASP A 34 -4.79 2.06 -8.34
CA ASP A 34 -6.06 1.87 -9.01
C ASP A 34 -7.03 2.77 -8.32
N GLU A 35 -7.15 3.95 -8.84
CA GLU A 35 -7.99 4.99 -8.28
C GLU A 35 -9.47 4.65 -8.34
N GLU A 36 -9.82 3.68 -9.17
CA GLU A 36 -11.19 3.26 -9.35
C GLU A 36 -11.69 2.56 -8.09
N ASN A 37 -10.84 1.72 -7.52
CA ASN A 37 -11.18 0.98 -6.31
C ASN A 37 -10.56 1.63 -5.10
N GLY A 38 -9.62 2.52 -5.34
CA GLY A 38 -8.89 3.11 -4.25
C GLY A 38 -7.89 2.11 -3.70
N THR A 39 -7.36 1.29 -4.58
CA THR A 39 -6.40 0.29 -4.22
C THR A 39 -5.05 0.61 -4.83
N ALA A 40 -4.00 0.04 -4.28
CA ALA A 40 -2.69 0.26 -4.81
C ALA A 40 -1.91 -1.03 -4.85
N ALA A 41 -1.09 -1.14 -5.85
CA ALA A 41 -0.21 -2.24 -6.02
C ALA A 41 1.09 -1.87 -5.39
N ILE A 42 1.48 -2.64 -4.43
CA ILE A 42 2.64 -2.32 -3.64
C ILE A 42 3.63 -3.46 -3.63
N THR A 43 4.89 -3.12 -3.56
CA THR A 43 5.94 -4.09 -3.51
C THR A 43 6.66 -4.05 -2.17
N PHE A 44 6.67 -5.18 -1.50
CA PHE A 44 7.25 -5.32 -0.18
C PHE A 44 8.74 -5.21 -0.19
N ALA A 45 9.23 -4.33 0.65
CA ALA A 45 10.63 -4.02 0.77
C ALA A 45 11.45 -5.22 1.17
N GLY A 46 12.41 -5.57 0.35
CA GLY A 46 13.32 -6.64 0.64
C GLY A 46 12.83 -7.98 0.16
N TYR A 47 11.59 -8.29 0.48
CA TYR A 47 11.01 -9.57 0.15
C TYR A 47 10.71 -9.66 -1.35
N GLY A 48 10.23 -8.56 -1.88
CA GLY A 48 10.01 -8.47 -3.31
C GLY A 48 8.66 -8.96 -3.78
N ASN A 49 7.67 -9.01 -2.90
CA ASN A 49 6.33 -9.43 -3.35
C ASN A 49 5.51 -8.23 -3.64
N ALA A 50 4.41 -8.43 -4.28
CA ALA A 50 3.55 -7.36 -4.65
C ALA A 50 2.11 -7.77 -4.45
N GLU A 51 1.34 -6.92 -3.84
CA GLU A 51 -0.06 -7.20 -3.67
C GLU A 51 -0.86 -5.94 -3.93
N VAL A 52 -2.11 -6.11 -4.27
CA VAL A 52 -2.99 -5.00 -4.45
C VAL A 52 -3.77 -4.82 -3.18
N THR A 53 -3.49 -3.78 -2.49
CA THR A 53 -4.09 -3.53 -1.21
C THR A 53 -4.73 -2.14 -1.21
N PRO A 54 -5.90 -1.98 -0.59
CA PRO A 54 -6.59 -0.70 -0.54
C PRO A 54 -5.75 0.34 0.20
N LEU A 55 -5.89 1.59 -0.22
CA LEU A 55 -5.16 2.72 0.37
C LEU A 55 -5.43 2.82 1.87
N LEU A 56 -6.57 2.33 2.28
CA LEU A 56 -6.96 2.30 3.69
C LEU A 56 -5.99 1.43 4.52
N ASN A 57 -5.42 0.45 3.85
CA ASN A 57 -4.49 -0.50 4.46
C ASN A 57 -3.07 -0.01 4.41
N LEU A 58 -2.87 1.12 3.77
CA LEU A 58 -1.55 1.68 3.67
C LEU A 58 -1.33 2.70 4.75
N LYS A 59 -0.22 2.57 5.42
CA LYS A 59 0.17 3.45 6.46
C LYS A 59 1.42 4.19 6.04
N PRO A 60 1.66 5.36 6.59
CA PRO A 60 2.92 6.08 6.42
C PRO A 60 4.05 5.28 7.08
N VAL A 61 5.23 5.36 6.53
CA VAL A 61 6.35 4.60 7.05
C VAL A 61 6.95 5.18 8.31
N GLU A 62 7.44 4.29 9.14
CA GLU A 62 8.17 4.63 10.33
C GLU A 62 9.58 4.11 10.11
N GLU A 63 10.52 4.55 10.90
CA GLU A 63 11.88 4.11 10.73
C GLU A 63 12.58 3.88 12.07
N GLY A 64 12.94 2.65 12.31
CA GLY A 64 13.64 2.28 13.50
C GLY A 64 14.34 0.97 13.29
N ALA A 1 -12.64 9.20 -11.25
CA ALA A 1 -13.68 8.73 -12.16
C ALA A 1 -14.97 8.43 -11.40
N SER A 2 -15.09 7.23 -10.86
CA SER A 2 -16.29 6.86 -10.14
C SER A 2 -16.05 6.97 -8.65
N THR A 3 -15.02 6.30 -8.18
CA THR A 3 -14.71 6.26 -6.78
C THR A 3 -13.49 7.14 -6.51
N GLN A 4 -13.44 7.75 -5.34
CA GLN A 4 -12.32 8.59 -4.98
C GLN A 4 -11.63 8.08 -3.72
N PRO A 5 -10.29 8.07 -3.72
CA PRO A 5 -9.48 7.65 -2.56
C PRO A 5 -9.77 8.47 -1.29
N THR A 6 -9.60 7.84 -0.15
CA THR A 6 -9.72 8.47 1.11
C THR A 6 -8.30 8.84 1.60
N HIS A 7 -7.32 8.09 1.14
CA HIS A 7 -5.94 8.35 1.46
C HIS A 7 -5.25 8.73 0.19
N SER A 8 -4.43 9.73 0.25
CA SER A 8 -3.71 10.15 -0.92
C SER A 8 -2.31 9.59 -0.92
N TRP A 9 -2.12 8.62 -1.78
CA TRP A 9 -0.86 7.96 -1.97
C TRP A 9 -0.37 8.17 -3.38
N LYS A 10 0.93 8.16 -3.55
CA LYS A 10 1.50 8.31 -4.86
C LYS A 10 2.42 7.16 -5.21
N VAL A 11 2.59 6.95 -6.49
CA VAL A 11 3.49 5.96 -7.02
C VAL A 11 4.92 6.33 -6.65
N GLY A 12 5.68 5.35 -6.21
CA GLY A 12 7.06 5.59 -5.86
C GLY A 12 7.21 6.06 -4.43
N ASP A 13 6.25 5.75 -3.60
CA ASP A 13 6.34 6.11 -2.20
C ASP A 13 6.45 4.88 -1.39
N LYS A 14 6.96 5.03 -0.23
CA LYS A 14 7.03 3.98 0.68
C LYS A 14 5.85 4.06 1.60
N CYS A 15 5.20 2.99 1.77
CA CYS A 15 4.09 2.87 2.64
C CYS A 15 4.25 1.60 3.42
N MET A 16 3.38 1.36 4.32
CA MET A 16 3.36 0.11 4.99
C MET A 16 2.07 -0.52 4.61
N ALA A 17 2.14 -1.72 4.20
CA ALA A 17 0.99 -2.39 3.72
C ALA A 17 0.73 -3.56 4.58
N VAL A 18 -0.49 -3.95 4.66
CA VAL A 18 -0.85 -5.10 5.42
C VAL A 18 -0.70 -6.29 4.52
N TRP A 19 0.25 -7.13 4.84
CA TRP A 19 0.54 -8.29 4.05
C TRP A 19 -0.62 -9.22 4.16
N SER A 20 -1.23 -9.49 3.05
CA SER A 20 -2.41 -10.33 2.94
C SER A 20 -2.15 -11.75 3.51
N GLU A 21 -0.89 -12.13 3.57
CA GLU A 21 -0.53 -13.43 4.03
C GLU A 21 -0.41 -13.52 5.54
N ASP A 22 0.12 -12.48 6.16
CA ASP A 22 0.37 -12.53 7.61
C ASP A 22 -0.65 -11.68 8.38
N GLY A 23 -1.28 -10.77 7.68
CA GLY A 23 -2.26 -9.88 8.29
C GLY A 23 -1.62 -8.70 9.02
N GLN A 24 -0.33 -8.53 8.87
CA GLN A 24 0.39 -7.45 9.56
C GLN A 24 0.96 -6.45 8.58
N CYS A 25 1.44 -5.34 9.08
CA CYS A 25 1.95 -4.29 8.21
C CYS A 25 3.46 -4.31 8.07
N TYR A 26 3.90 -4.17 6.83
CA TYR A 26 5.31 -4.24 6.44
C TYR A 26 5.58 -3.15 5.43
N GLU A 27 6.84 -2.76 5.28
CA GLU A 27 7.20 -1.67 4.38
C GLU A 27 7.10 -2.11 2.92
N ALA A 28 6.35 -1.37 2.15
CA ALA A 28 6.12 -1.66 0.77
C ALA A 28 6.12 -0.38 -0.03
N GLU A 29 6.56 -0.45 -1.25
CA GLU A 29 6.59 0.70 -2.10
C GLU A 29 5.49 0.59 -3.14
N ILE A 30 4.80 1.66 -3.34
CA ILE A 30 3.70 1.73 -4.29
C ILE A 30 4.21 1.78 -5.72
N GLU A 31 3.78 0.82 -6.49
CA GLU A 31 4.16 0.70 -7.89
C GLU A 31 3.09 1.30 -8.79
N GLU A 32 1.84 1.17 -8.39
CA GLU A 32 0.71 1.64 -9.19
C GLU A 32 -0.49 1.84 -8.26
N ILE A 33 -1.39 2.75 -8.63
CA ILE A 33 -2.56 3.06 -7.81
C ILE A 33 -3.83 3.01 -8.67
N ASP A 34 -4.82 2.33 -8.19
CA ASP A 34 -6.13 2.25 -8.83
C ASP A 34 -7.09 3.04 -7.97
N GLU A 35 -7.29 4.28 -8.36
CA GLU A 35 -8.17 5.20 -7.65
C GLU A 35 -9.64 4.76 -7.70
N GLU A 36 -9.97 3.96 -8.69
CA GLU A 36 -11.32 3.52 -8.92
C GLU A 36 -11.80 2.57 -7.82
N ASN A 37 -10.91 1.77 -7.33
CA ASN A 37 -11.22 0.89 -6.21
C ASN A 37 -10.62 1.42 -4.95
N GLY A 38 -9.73 2.38 -5.10
CA GLY A 38 -9.01 2.90 -3.97
C GLY A 38 -7.97 1.91 -3.52
N THR A 39 -7.45 1.16 -4.47
CA THR A 39 -6.46 0.16 -4.19
C THR A 39 -5.14 0.52 -4.83
N ALA A 40 -4.08 0.00 -4.31
CA ALA A 40 -2.79 0.26 -4.85
C ALA A 40 -1.99 -1.02 -4.93
N ALA A 41 -1.15 -1.08 -5.91
CA ALA A 41 -0.28 -2.18 -6.11
C ALA A 41 1.03 -1.83 -5.47
N ILE A 42 1.41 -2.61 -4.52
CA ILE A 42 2.56 -2.33 -3.73
C ILE A 42 3.52 -3.49 -3.74
N THR A 43 4.78 -3.20 -3.63
CA THR A 43 5.79 -4.20 -3.58
C THR A 43 6.56 -4.08 -2.26
N PHE A 44 6.58 -5.15 -1.51
CA PHE A 44 7.22 -5.21 -0.21
C PHE A 44 8.71 -5.11 -0.33
N ALA A 45 9.27 -4.18 0.40
CA ALA A 45 10.67 -3.89 0.32
C ALA A 45 11.46 -4.92 1.10
N GLY A 46 12.53 -5.37 0.51
CA GLY A 46 13.37 -6.34 1.13
C GLY A 46 12.95 -7.74 0.74
N TYR A 47 11.68 -8.02 0.91
CA TYR A 47 11.14 -9.30 0.59
C TYR A 47 10.93 -9.46 -0.91
N GLY A 48 10.30 -8.48 -1.53
CA GLY A 48 10.14 -8.51 -2.98
C GLY A 48 8.79 -9.03 -3.48
N ASN A 49 7.76 -9.05 -2.65
CA ASN A 49 6.43 -9.48 -3.13
C ASN A 49 5.60 -8.30 -3.50
N ALA A 50 4.54 -8.53 -4.19
CA ALA A 50 3.67 -7.46 -4.59
C ALA A 50 2.25 -7.88 -4.43
N GLU A 51 1.42 -6.97 -3.99
CA GLU A 51 0.03 -7.25 -3.84
C GLU A 51 -0.77 -5.98 -4.10
N VAL A 52 -2.01 -6.16 -4.45
CA VAL A 52 -2.91 -5.06 -4.64
C VAL A 52 -3.71 -4.92 -3.37
N THR A 53 -3.47 -3.89 -2.66
CA THR A 53 -4.08 -3.70 -1.37
C THR A 53 -4.73 -2.31 -1.32
N PRO A 54 -5.91 -2.18 -0.68
CA PRO A 54 -6.59 -0.89 -0.56
C PRO A 54 -5.74 0.13 0.17
N LEU A 55 -5.91 1.39 -0.18
CA LEU A 55 -5.17 2.51 0.42
C LEU A 55 -5.39 2.56 1.93
N LEU A 56 -6.53 2.05 2.38
CA LEU A 56 -6.84 1.98 3.82
C LEU A 56 -5.84 1.06 4.52
N ASN A 57 -5.30 0.12 3.78
CA ASN A 57 -4.35 -0.84 4.30
C ASN A 57 -2.95 -0.29 4.23
N LEU A 58 -2.80 0.90 3.67
CA LEU A 58 -1.53 1.51 3.57
C LEU A 58 -1.35 2.51 4.67
N LYS A 59 -0.27 2.39 5.34
CA LYS A 59 0.10 3.26 6.43
C LYS A 59 1.36 4.00 6.06
N PRO A 60 1.68 5.10 6.73
CA PRO A 60 2.94 5.78 6.51
C PRO A 60 4.07 5.01 7.19
N VAL A 61 5.22 4.97 6.55
CA VAL A 61 6.36 4.23 7.07
C VAL A 61 6.90 4.84 8.34
N GLU A 62 7.29 3.98 9.23
CA GLU A 62 7.87 4.39 10.45
C GLU A 62 9.35 4.21 10.36
N GLU A 63 9.97 5.25 9.90
CA GLU A 63 11.40 5.28 9.64
C GLU A 63 12.17 5.81 10.84
N GLY A 64 11.44 6.31 11.77
CA GLY A 64 12.02 6.78 12.98
C GLY A 64 11.06 6.57 14.09
N ALA A 1 -15.06 3.64 -6.05
CA ALA A 1 -15.35 2.84 -4.87
C ALA A 1 -16.30 3.58 -3.97
N SER A 2 -17.06 2.86 -3.17
CA SER A 2 -17.95 3.45 -2.21
C SER A 2 -17.14 3.85 -0.98
N THR A 3 -16.19 3.02 -0.61
CA THR A 3 -15.33 3.29 0.51
C THR A 3 -14.29 4.33 0.10
N GLN A 4 -14.46 5.54 0.57
CA GLN A 4 -13.57 6.62 0.24
C GLN A 4 -12.28 6.49 1.04
N PRO A 5 -11.13 6.49 0.36
CA PRO A 5 -9.84 6.32 1.00
C PRO A 5 -9.45 7.49 1.91
N THR A 6 -8.98 7.16 3.07
CA THR A 6 -8.55 8.11 4.06
C THR A 6 -7.22 8.75 3.65
N HIS A 7 -6.41 7.99 2.96
CA HIS A 7 -5.07 8.40 2.62
C HIS A 7 -4.98 8.73 1.16
N SER A 8 -4.03 9.57 0.83
CA SER A 8 -3.73 9.92 -0.54
C SER A 8 -2.30 9.51 -0.84
N TRP A 9 -2.16 8.53 -1.70
CA TRP A 9 -0.89 7.92 -1.99
C TRP A 9 -0.40 8.22 -3.39
N LYS A 10 0.91 8.21 -3.57
CA LYS A 10 1.50 8.36 -4.89
C LYS A 10 2.43 7.19 -5.17
N VAL A 11 2.64 6.93 -6.44
CA VAL A 11 3.56 5.91 -6.91
C VAL A 11 5.00 6.28 -6.51
N GLY A 12 5.76 5.31 -6.06
CA GLY A 12 7.15 5.55 -5.72
C GLY A 12 7.34 5.96 -4.29
N ASP A 13 6.34 5.77 -3.48
CA ASP A 13 6.45 6.14 -2.08
C ASP A 13 6.54 4.91 -1.25
N LYS A 14 6.97 5.08 -0.05
CA LYS A 14 7.04 4.00 0.85
C LYS A 14 5.85 4.06 1.73
N CYS A 15 5.22 2.99 1.85
CA CYS A 15 4.09 2.86 2.69
C CYS A 15 4.18 1.59 3.46
N MET A 16 3.31 1.42 4.36
CA MET A 16 3.20 0.19 5.08
C MET A 16 1.98 -0.46 4.56
N ALA A 17 2.11 -1.66 4.18
CA ALA A 17 1.02 -2.40 3.62
C ALA A 17 0.73 -3.57 4.47
N VAL A 18 -0.50 -3.98 4.48
CA VAL A 18 -0.89 -5.13 5.23
C VAL A 18 -0.69 -6.33 4.36
N TRP A 19 0.23 -7.18 4.74
CA TRP A 19 0.54 -8.36 4.00
C TRP A 19 -0.63 -9.29 4.10
N SER A 20 -1.22 -9.57 2.97
CA SER A 20 -2.41 -10.40 2.84
C SER A 20 -2.14 -11.83 3.37
N GLU A 21 -0.88 -12.19 3.51
CA GLU A 21 -0.51 -13.50 4.02
C GLU A 21 -0.47 -13.54 5.55
N ASP A 22 0.07 -12.51 6.16
CA ASP A 22 0.31 -12.53 7.61
C ASP A 22 -0.68 -11.66 8.37
N GLY A 23 -1.30 -10.73 7.67
CA GLY A 23 -2.26 -9.84 8.28
C GLY A 23 -1.61 -8.70 9.04
N GLN A 24 -0.32 -8.52 8.84
CA GLN A 24 0.43 -7.47 9.52
C GLN A 24 0.93 -6.46 8.54
N CYS A 25 1.38 -5.33 9.02
CA CYS A 25 1.80 -4.26 8.14
C CYS A 25 3.34 -4.23 7.99
N TYR A 26 3.78 -4.09 6.76
CA TYR A 26 5.21 -4.14 6.37
C TYR A 26 5.52 -3.04 5.38
N GLU A 27 6.78 -2.66 5.26
CA GLU A 27 7.18 -1.58 4.36
C GLU A 27 7.13 -2.05 2.90
N ALA A 28 6.42 -1.31 2.10
CA ALA A 28 6.21 -1.61 0.72
C ALA A 28 6.19 -0.33 -0.08
N GLU A 29 6.64 -0.40 -1.30
CA GLU A 29 6.64 0.75 -2.15
C GLU A 29 5.54 0.62 -3.19
N ILE A 30 4.82 1.69 -3.38
CA ILE A 30 3.72 1.73 -4.33
C ILE A 30 4.23 1.80 -5.77
N GLU A 31 3.79 0.86 -6.56
CA GLU A 31 4.14 0.75 -7.98
C GLU A 31 3.05 1.36 -8.86
N GLU A 32 1.82 1.24 -8.41
CA GLU A 32 0.69 1.74 -9.15
C GLU A 32 -0.48 1.92 -8.19
N ILE A 33 -1.35 2.83 -8.52
CA ILE A 33 -2.51 3.12 -7.71
C ILE A 33 -3.74 2.91 -8.56
N ASP A 34 -4.72 2.25 -8.00
CA ASP A 34 -5.97 2.00 -8.65
C ASP A 34 -7.00 2.81 -7.92
N GLU A 35 -7.20 4.00 -8.40
CA GLU A 35 -8.09 4.95 -7.78
C GLU A 35 -9.55 4.53 -7.82
N GLU A 36 -9.88 3.61 -8.71
CA GLU A 36 -11.24 3.18 -8.89
C GLU A 36 -11.68 2.33 -7.71
N ASN A 37 -10.81 1.41 -7.31
CA ASN A 37 -11.09 0.53 -6.17
C ASN A 37 -10.57 1.14 -4.91
N GLY A 38 -9.74 2.16 -5.06
CA GLY A 38 -9.09 2.73 -3.92
C GLY A 38 -8.00 1.82 -3.45
N THR A 39 -7.39 1.10 -4.37
CA THR A 39 -6.36 0.18 -4.06
C THR A 39 -5.04 0.63 -4.66
N ALA A 40 -3.99 0.03 -4.22
CA ALA A 40 -2.70 0.30 -4.75
C ALA A 40 -1.94 -0.98 -4.89
N ALA A 41 -1.14 -1.06 -5.90
CA ALA A 41 -0.29 -2.18 -6.14
C ALA A 41 1.04 -1.84 -5.55
N ILE A 42 1.45 -2.62 -4.60
CA ILE A 42 2.62 -2.31 -3.83
C ILE A 42 3.59 -3.47 -3.86
N THR A 43 4.85 -3.18 -3.71
CA THR A 43 5.87 -4.17 -3.65
C THR A 43 6.59 -4.08 -2.30
N PHE A 44 6.60 -5.18 -1.57
CA PHE A 44 7.21 -5.25 -0.26
C PHE A 44 8.71 -5.13 -0.34
N ALA A 45 9.22 -4.10 0.31
CA ALA A 45 10.62 -3.77 0.28
C ALA A 45 11.41 -4.79 1.07
N GLY A 46 12.42 -5.34 0.44
CA GLY A 46 13.25 -6.31 1.07
C GLY A 46 12.86 -7.72 0.70
N TYR A 47 11.58 -8.02 0.80
CA TYR A 47 11.07 -9.33 0.50
C TYR A 47 10.90 -9.55 -1.00
N GLY A 48 10.25 -8.62 -1.66
CA GLY A 48 10.09 -8.73 -3.11
C GLY A 48 8.74 -9.30 -3.56
N ASN A 49 7.68 -9.12 -2.78
CA ASN A 49 6.35 -9.55 -3.25
C ASN A 49 5.54 -8.34 -3.61
N ALA A 50 4.45 -8.56 -4.26
CA ALA A 50 3.61 -7.47 -4.70
C ALA A 50 2.16 -7.86 -4.52
N GLU A 51 1.38 -6.93 -4.01
CA GLU A 51 -0.02 -7.18 -3.84
C GLU A 51 -0.81 -5.92 -4.08
N VAL A 52 -2.06 -6.10 -4.37
CA VAL A 52 -2.98 -5.01 -4.54
C VAL A 52 -3.74 -4.86 -3.24
N THR A 53 -3.47 -3.81 -2.56
CA THR A 53 -4.04 -3.59 -1.26
C THR A 53 -4.69 -2.19 -1.21
N PRO A 54 -5.86 -2.05 -0.55
CA PRO A 54 -6.54 -0.77 -0.45
C PRO A 54 -5.71 0.29 0.26
N LEU A 55 -5.90 1.52 -0.15
CA LEU A 55 -5.21 2.70 0.41
C LEU A 55 -5.44 2.82 1.92
N LEU A 56 -6.53 2.25 2.39
CA LEU A 56 -6.88 2.22 3.80
C LEU A 56 -5.86 1.35 4.56
N ASN A 57 -5.38 0.32 3.89
CA ASN A 57 -4.45 -0.61 4.47
C ASN A 57 -3.08 -0.01 4.52
N LEU A 58 -2.82 0.92 3.63
CA LEU A 58 -1.54 1.55 3.55
C LEU A 58 -1.39 2.59 4.62
N LYS A 59 -0.30 2.51 5.32
CA LYS A 59 0.03 3.43 6.38
C LYS A 59 1.28 4.18 5.99
N PRO A 60 1.51 5.36 6.55
CA PRO A 60 2.73 6.11 6.32
C PRO A 60 3.90 5.46 7.06
N VAL A 61 5.08 5.57 6.53
CA VAL A 61 6.23 4.99 7.16
C VAL A 61 6.76 5.90 8.25
N GLU A 62 7.42 5.30 9.21
CA GLU A 62 7.99 6.03 10.30
C GLU A 62 9.37 6.55 9.93
N GLU A 63 9.92 7.40 10.77
CA GLU A 63 11.22 7.97 10.53
C GLU A 63 12.33 6.91 10.67
N GLY A 64 13.08 6.72 9.63
CA GLY A 64 14.16 5.78 9.66
C GLY A 64 14.67 5.55 8.28
N ALA A 1 -15.19 2.61 -5.85
CA ALA A 1 -15.13 2.45 -4.40
C ALA A 1 -16.35 3.10 -3.78
N SER A 2 -16.72 2.67 -2.60
CA SER A 2 -17.87 3.24 -1.92
C SER A 2 -17.44 4.49 -1.18
N THR A 3 -16.21 4.49 -0.74
CA THR A 3 -15.66 5.57 0.00
C THR A 3 -14.17 5.68 -0.32
N GLN A 4 -13.75 6.81 -0.84
CA GLN A 4 -12.33 7.01 -1.09
C GLN A 4 -11.65 7.36 0.23
N PRO A 5 -10.55 6.70 0.55
CA PRO A 5 -9.80 6.96 1.78
C PRO A 5 -9.09 8.31 1.73
N THR A 6 -8.82 8.90 2.89
CA THR A 6 -8.17 10.19 2.95
C THR A 6 -6.67 10.07 2.76
N HIS A 7 -6.17 8.84 2.80
CA HIS A 7 -4.77 8.58 2.57
C HIS A 7 -4.40 8.93 1.15
N SER A 8 -3.48 9.82 1.00
CA SER A 8 -3.05 10.26 -0.29
C SER A 8 -1.73 9.59 -0.62
N TRP A 9 -1.76 8.67 -1.54
CA TRP A 9 -0.60 7.92 -1.89
C TRP A 9 -0.25 8.15 -3.33
N LYS A 10 1.02 8.05 -3.64
CA LYS A 10 1.49 8.20 -4.98
C LYS A 10 2.44 7.05 -5.31
N VAL A 11 2.66 6.83 -6.58
CA VAL A 11 3.61 5.83 -7.04
C VAL A 11 5.02 6.23 -6.60
N GLY A 12 5.76 5.28 -6.08
CA GLY A 12 7.10 5.57 -5.62
C GLY A 12 7.11 6.09 -4.20
N ASP A 13 6.03 5.88 -3.48
CA ASP A 13 5.97 6.30 -2.09
C ASP A 13 6.25 5.12 -1.24
N LYS A 14 6.68 5.35 -0.06
CA LYS A 14 6.91 4.28 0.81
C LYS A 14 5.76 4.22 1.77
N CYS A 15 5.21 3.07 1.88
CA CYS A 15 4.10 2.86 2.73
C CYS A 15 4.26 1.57 3.45
N MET A 16 3.35 1.26 4.30
CA MET A 16 3.31 0.00 4.93
C MET A 16 2.01 -0.63 4.56
N ALA A 17 2.05 -1.81 4.11
CA ALA A 17 0.90 -2.50 3.64
C ALA A 17 0.66 -3.68 4.48
N VAL A 18 -0.58 -4.09 4.58
CA VAL A 18 -0.92 -5.23 5.35
C VAL A 18 -0.77 -6.44 4.46
N TRP A 19 0.19 -7.26 4.80
CA TRP A 19 0.50 -8.44 4.04
C TRP A 19 -0.64 -9.40 4.17
N SER A 20 -1.27 -9.68 3.07
CA SER A 20 -2.44 -10.52 2.98
C SER A 20 -2.16 -11.94 3.51
N GLU A 21 -0.90 -12.30 3.61
CA GLU A 21 -0.51 -13.60 4.08
C GLU A 21 -0.46 -13.67 5.61
N ASP A 22 0.09 -12.63 6.22
CA ASP A 22 0.35 -12.70 7.67
C ASP A 22 -0.64 -11.85 8.44
N GLY A 23 -1.24 -10.90 7.76
CA GLY A 23 -2.20 -10.01 8.40
C GLY A 23 -1.54 -8.87 9.14
N GLN A 24 -0.24 -8.66 8.91
CA GLN A 24 0.50 -7.59 9.56
C GLN A 24 0.96 -6.58 8.54
N CYS A 25 1.42 -5.44 9.01
CA CYS A 25 1.83 -4.40 8.09
C CYS A 25 3.35 -4.35 7.93
N TYR A 26 3.78 -4.23 6.69
CA TYR A 26 5.19 -4.24 6.32
C TYR A 26 5.46 -3.13 5.33
N GLU A 27 6.70 -2.71 5.25
CA GLU A 27 7.11 -1.62 4.40
C GLU A 27 7.12 -2.04 2.93
N ALA A 28 6.43 -1.28 2.12
CA ALA A 28 6.26 -1.56 0.72
C ALA A 28 6.25 -0.27 -0.08
N GLU A 29 6.65 -0.34 -1.31
CA GLU A 29 6.62 0.81 -2.18
C GLU A 29 5.51 0.64 -3.19
N ILE A 30 4.77 1.68 -3.42
CA ILE A 30 3.66 1.68 -4.35
C ILE A 30 4.14 1.76 -5.79
N GLU A 31 3.73 0.80 -6.57
CA GLU A 31 4.11 0.69 -7.96
C GLU A 31 3.01 1.23 -8.88
N GLU A 32 1.78 1.09 -8.44
CA GLU A 32 0.63 1.54 -9.22
C GLU A 32 -0.55 1.76 -8.29
N ILE A 33 -1.38 2.71 -8.62
CA ILE A 33 -2.56 3.03 -7.83
C ILE A 33 -3.80 2.88 -8.69
N ASP A 34 -4.79 2.22 -8.17
CA ASP A 34 -6.07 2.07 -8.79
C ASP A 34 -7.04 2.93 -8.03
N GLU A 35 -7.23 4.11 -8.51
CA GLU A 35 -8.08 5.10 -7.87
C GLU A 35 -9.56 4.69 -7.88
N GLU A 36 -9.92 3.78 -8.76
CA GLU A 36 -11.31 3.39 -8.93
C GLU A 36 -11.76 2.58 -7.69
N ASN A 37 -10.90 1.71 -7.25
CA ASN A 37 -11.19 0.91 -6.06
C ASN A 37 -10.53 1.51 -4.85
N GLY A 38 -9.62 2.43 -5.09
CA GLY A 38 -8.87 3.00 -4.00
C GLY A 38 -7.84 2.02 -3.51
N THR A 39 -7.32 1.23 -4.43
CA THR A 39 -6.34 0.23 -4.11
C THR A 39 -5.02 0.57 -4.75
N ALA A 40 -3.97 -0.01 -4.26
CA ALA A 40 -2.68 0.20 -4.79
C ALA A 40 -1.94 -1.10 -4.89
N ALA A 41 -1.14 -1.22 -5.90
CA ALA A 41 -0.30 -2.34 -6.09
C ALA A 41 1.04 -1.98 -5.52
N ILE A 42 1.47 -2.74 -4.57
CA ILE A 42 2.64 -2.41 -3.82
C ILE A 42 3.64 -3.54 -3.85
N THR A 43 4.89 -3.21 -3.73
CA THR A 43 5.94 -4.18 -3.68
C THR A 43 6.62 -4.07 -2.32
N PHE A 44 6.64 -5.17 -1.60
CA PHE A 44 7.21 -5.24 -0.28
C PHE A 44 8.70 -5.07 -0.30
N ALA A 45 9.16 -4.06 0.39
CA ALA A 45 10.56 -3.69 0.42
C ALA A 45 11.36 -4.73 1.18
N GLY A 46 12.37 -5.26 0.53
CA GLY A 46 13.22 -6.23 1.13
C GLY A 46 12.88 -7.62 0.67
N TYR A 47 11.62 -7.98 0.79
CA TYR A 47 11.16 -9.29 0.41
C TYR A 47 10.96 -9.35 -1.10
N GLY A 48 10.29 -8.35 -1.64
CA GLY A 48 10.13 -8.28 -3.07
C GLY A 48 8.79 -8.78 -3.59
N ASN A 49 7.80 -8.98 -2.72
CA ASN A 49 6.49 -9.47 -3.21
C ASN A 49 5.62 -8.31 -3.57
N ALA A 50 4.51 -8.58 -4.20
CA ALA A 50 3.64 -7.53 -4.63
C ALA A 50 2.21 -7.94 -4.45
N GLU A 51 1.40 -7.03 -3.99
CA GLU A 51 0.00 -7.31 -3.82
C GLU A 51 -0.82 -6.06 -4.01
N VAL A 52 -2.10 -6.25 -4.28
CA VAL A 52 -3.03 -5.17 -4.41
C VAL A 52 -3.72 -4.99 -3.07
N THR A 53 -3.55 -3.86 -2.49
CA THR A 53 -4.12 -3.59 -1.21
C THR A 53 -4.72 -2.18 -1.20
N PRO A 54 -5.88 -1.99 -0.55
CA PRO A 54 -6.54 -0.68 -0.48
C PRO A 54 -5.67 0.35 0.21
N LEU A 55 -5.80 1.60 -0.21
CA LEU A 55 -5.05 2.74 0.35
C LEU A 55 -5.28 2.87 1.85
N LEU A 56 -6.43 2.37 2.29
CA LEU A 56 -6.81 2.38 3.70
C LEU A 56 -5.87 1.47 4.50
N ASN A 57 -5.36 0.46 3.82
CA ASN A 57 -4.46 -0.51 4.42
C ASN A 57 -3.05 -0.04 4.37
N LEU A 58 -2.82 1.02 3.65
CA LEU A 58 -1.51 1.55 3.55
C LEU A 58 -1.30 2.51 4.66
N LYS A 59 -0.24 2.32 5.35
CA LYS A 59 0.09 3.12 6.48
C LYS A 59 1.37 3.86 6.16
N PRO A 60 1.66 4.94 6.85
CA PRO A 60 2.90 5.64 6.67
C PRO A 60 4.04 4.86 7.32
N VAL A 61 5.21 4.92 6.73
CA VAL A 61 6.37 4.18 7.23
C VAL A 61 6.85 4.74 8.55
N GLU A 62 7.46 3.91 9.34
CA GLU A 62 7.89 4.30 10.65
C GLU A 62 9.39 4.35 10.76
N GLU A 63 9.85 5.11 11.72
CA GLU A 63 11.24 5.24 12.03
C GLU A 63 11.37 5.43 13.54
N GLY A 64 11.74 4.40 14.23
CA GLY A 64 11.82 4.47 15.65
C GLY A 64 11.48 3.16 16.25
N ALA A 1 -12.65 7.65 -9.78
CA ALA A 1 -13.61 8.70 -9.40
C ALA A 1 -14.50 8.25 -8.22
N SER A 2 -14.75 6.96 -8.12
CA SER A 2 -15.67 6.43 -7.13
C SER A 2 -15.11 6.47 -5.70
N THR A 3 -13.95 5.87 -5.49
CA THR A 3 -13.43 5.70 -4.16
C THR A 3 -12.47 6.83 -3.78
N GLN A 4 -12.89 7.69 -2.87
CA GLN A 4 -12.04 8.77 -2.39
C GLN A 4 -10.96 8.22 -1.48
N PRO A 5 -9.68 8.42 -1.83
CA PRO A 5 -8.55 7.97 -1.01
C PRO A 5 -8.57 8.60 0.38
N THR A 6 -8.35 7.78 1.38
CA THR A 6 -8.25 8.27 2.74
C THR A 6 -6.88 8.92 2.94
N HIS A 7 -5.92 8.46 2.19
CA HIS A 7 -4.60 9.05 2.17
C HIS A 7 -4.25 9.17 0.71
N SER A 8 -3.74 10.29 0.30
CA SER A 8 -3.36 10.48 -1.06
C SER A 8 -1.98 9.88 -1.27
N TRP A 9 -1.93 8.77 -1.95
CA TRP A 9 -0.73 8.05 -2.19
C TRP A 9 -0.25 8.25 -3.60
N LYS A 10 1.03 8.17 -3.81
CA LYS A 10 1.58 8.23 -5.13
C LYS A 10 2.52 7.06 -5.34
N VAL A 11 2.78 6.80 -6.59
CA VAL A 11 3.71 5.78 -6.99
C VAL A 11 5.13 6.12 -6.49
N GLY A 12 5.84 5.12 -6.02
CA GLY A 12 7.19 5.33 -5.55
C GLY A 12 7.27 5.81 -4.12
N ASP A 13 6.15 5.79 -3.43
CA ASP A 13 6.12 6.23 -2.04
C ASP A 13 6.32 5.05 -1.18
N LYS A 14 6.73 5.27 0.02
CA LYS A 14 6.88 4.21 0.92
C LYS A 14 5.70 4.21 1.83
N CYS A 15 5.11 3.10 1.94
CA CYS A 15 3.97 2.94 2.77
C CYS A 15 4.09 1.65 3.51
N MET A 16 3.18 1.40 4.37
CA MET A 16 3.15 0.15 5.04
C MET A 16 1.87 -0.50 4.68
N ALA A 17 1.95 -1.70 4.25
CA ALA A 17 0.81 -2.42 3.80
C ALA A 17 0.62 -3.62 4.66
N VAL A 18 -0.58 -4.06 4.79
CA VAL A 18 -0.86 -5.24 5.55
C VAL A 18 -0.72 -6.41 4.62
N TRP A 19 0.27 -7.23 4.88
CA TRP A 19 0.55 -8.38 4.09
C TRP A 19 -0.58 -9.34 4.25
N SER A 20 -1.26 -9.61 3.18
CA SER A 20 -2.43 -10.45 3.17
C SER A 20 -2.12 -11.89 3.63
N GLU A 21 -0.84 -12.25 3.62
CA GLU A 21 -0.45 -13.58 3.99
C GLU A 21 -0.32 -13.74 5.49
N ASP A 22 0.27 -12.77 6.16
CA ASP A 22 0.51 -12.93 7.62
C ASP A 22 -0.44 -12.05 8.45
N GLY A 23 -1.00 -11.05 7.81
CA GLY A 23 -1.92 -10.15 8.50
C GLY A 23 -1.22 -9.01 9.23
N GLN A 24 0.04 -8.81 8.95
CA GLN A 24 0.81 -7.75 9.60
C GLN A 24 1.21 -6.70 8.59
N CYS A 25 1.65 -5.57 9.07
CA CYS A 25 2.01 -4.48 8.18
C CYS A 25 3.51 -4.42 7.95
N TYR A 26 3.88 -4.25 6.72
CA TYR A 26 5.27 -4.23 6.31
C TYR A 26 5.49 -3.08 5.35
N GLU A 27 6.73 -2.66 5.24
CA GLU A 27 7.11 -1.54 4.41
C GLU A 27 7.08 -1.95 2.93
N ALA A 28 6.33 -1.23 2.17
CA ALA A 28 6.14 -1.53 0.78
C ALA A 28 6.13 -0.26 -0.02
N GLU A 29 6.53 -0.36 -1.24
CA GLU A 29 6.54 0.77 -2.11
C GLU A 29 5.47 0.59 -3.16
N ILE A 30 4.73 1.63 -3.39
CA ILE A 30 3.63 1.63 -4.33
C ILE A 30 4.14 1.65 -5.78
N GLU A 31 3.68 0.72 -6.56
CA GLU A 31 4.06 0.58 -7.95
C GLU A 31 3.03 1.23 -8.87
N GLU A 32 1.78 1.12 -8.49
CA GLU A 32 0.68 1.66 -9.26
C GLU A 32 -0.52 1.80 -8.36
N ILE A 33 -1.37 2.75 -8.65
CA ILE A 33 -2.55 3.02 -7.86
C ILE A 33 -3.79 2.95 -8.73
N ASP A 34 -4.82 2.36 -8.20
CA ASP A 34 -6.11 2.32 -8.83
C ASP A 34 -7.05 3.08 -7.96
N GLU A 35 -7.18 4.34 -8.24
CA GLU A 35 -7.99 5.26 -7.46
C GLU A 35 -9.46 4.88 -7.52
N GLU A 36 -9.85 4.23 -8.60
CA GLU A 36 -11.22 3.88 -8.85
C GLU A 36 -11.72 2.87 -7.80
N ASN A 37 -10.90 1.88 -7.49
CA ASN A 37 -11.23 0.89 -6.45
C ASN A 37 -10.68 1.34 -5.13
N GLY A 38 -9.81 2.32 -5.18
CA GLY A 38 -9.15 2.81 -4.01
C GLY A 38 -8.08 1.85 -3.58
N THR A 39 -7.51 1.16 -4.53
CA THR A 39 -6.49 0.19 -4.25
C THR A 39 -5.16 0.61 -4.85
N ALA A 40 -4.12 -0.03 -4.42
CA ALA A 40 -2.82 0.21 -4.95
C ALA A 40 -2.05 -1.08 -5.01
N ALA A 41 -1.23 -1.21 -6.00
CA ALA A 41 -0.37 -2.33 -6.13
C ALA A 41 0.93 -1.95 -5.50
N ILE A 42 1.33 -2.70 -4.54
CA ILE A 42 2.49 -2.37 -3.76
C ILE A 42 3.46 -3.51 -3.77
N THR A 43 4.72 -3.20 -3.63
CA THR A 43 5.75 -4.18 -3.59
C THR A 43 6.53 -4.05 -2.29
N PHE A 44 6.58 -5.13 -1.54
CA PHE A 44 7.22 -5.19 -0.24
C PHE A 44 8.71 -5.07 -0.37
N ALA A 45 9.25 -4.11 0.35
CA ALA A 45 10.65 -3.82 0.28
C ALA A 45 11.45 -4.86 1.03
N GLY A 46 12.51 -5.31 0.43
CA GLY A 46 13.38 -6.27 1.06
C GLY A 46 13.02 -7.67 0.66
N TYR A 47 11.75 -8.00 0.78
CA TYR A 47 11.29 -9.33 0.45
C TYR A 47 11.11 -9.48 -1.05
N GLY A 48 10.40 -8.55 -1.65
CA GLY A 48 10.21 -8.57 -3.08
C GLY A 48 8.89 -9.20 -3.55
N ASN A 49 7.82 -9.04 -2.80
CA ASN A 49 6.52 -9.52 -3.28
C ASN A 49 5.65 -8.34 -3.56
N ALA A 50 4.56 -8.55 -4.22
CA ALA A 50 3.66 -7.49 -4.57
C ALA A 50 2.24 -7.93 -4.40
N GLU A 51 1.41 -7.06 -3.89
CA GLU A 51 0.02 -7.36 -3.72
C GLU A 51 -0.79 -6.12 -3.99
N VAL A 52 -2.05 -6.29 -4.26
CA VAL A 52 -2.97 -5.19 -4.44
C VAL A 52 -3.72 -5.00 -3.13
N THR A 53 -3.51 -3.88 -2.53
CA THR A 53 -4.08 -3.61 -1.24
C THR A 53 -4.73 -2.21 -1.26
N PRO A 54 -5.89 -2.03 -0.61
CA PRO A 54 -6.57 -0.74 -0.56
C PRO A 54 -5.72 0.33 0.11
N LEU A 55 -5.90 1.56 -0.34
CA LEU A 55 -5.20 2.75 0.19
C LEU A 55 -5.47 2.91 1.68
N LEU A 56 -6.60 2.39 2.12
CA LEU A 56 -6.99 2.42 3.53
C LEU A 56 -6.04 1.55 4.37
N ASN A 57 -5.50 0.54 3.73
CA ASN A 57 -4.60 -0.39 4.39
C ASN A 57 -3.20 0.12 4.40
N LEU A 58 -2.96 1.15 3.63
CA LEU A 58 -1.66 1.72 3.54
C LEU A 58 -1.47 2.74 4.63
N LYS A 59 -0.38 2.60 5.33
CA LYS A 59 -0.02 3.51 6.38
C LYS A 59 1.24 4.21 6.01
N PRO A 60 1.48 5.40 6.55
CA PRO A 60 2.73 6.10 6.33
C PRO A 60 3.88 5.39 7.04
N VAL A 61 5.05 5.50 6.50
CA VAL A 61 6.22 4.93 7.11
C VAL A 61 6.83 5.91 8.09
N GLU A 62 7.87 5.51 8.75
CA GLU A 62 8.58 6.39 9.62
C GLU A 62 9.66 7.07 8.80
N GLU A 63 10.04 8.25 9.17
CA GLU A 63 11.03 8.97 8.44
C GLU A 63 12.41 8.71 9.00
N GLY A 64 13.40 8.91 8.19
CA GLY A 64 14.74 8.74 8.60
C GLY A 64 15.61 9.19 7.49
N ALA A 1 -16.13 2.41 -7.47
CA ALA A 1 -15.58 2.91 -6.20
C ALA A 1 -16.44 2.42 -5.06
N SER A 2 -15.90 2.35 -3.86
CA SER A 2 -16.69 1.92 -2.72
C SER A 2 -16.15 2.52 -1.43
N THR A 3 -14.98 2.10 -1.05
CA THR A 3 -14.41 2.55 0.18
C THR A 3 -13.43 3.68 -0.10
N GLN A 4 -13.81 4.89 0.25
CA GLN A 4 -12.96 6.05 0.04
C GLN A 4 -11.92 6.12 1.15
N PRO A 5 -10.65 5.97 0.80
CA PRO A 5 -9.57 5.95 1.76
C PRO A 5 -9.16 7.35 2.24
N THR A 6 -8.82 7.43 3.50
CA THR A 6 -8.37 8.64 4.10
C THR A 6 -6.91 8.91 3.71
N HIS A 7 -6.19 7.84 3.44
CA HIS A 7 -4.78 7.90 3.13
C HIS A 7 -4.58 8.24 1.66
N SER A 8 -3.81 9.27 1.40
CA SER A 8 -3.50 9.67 0.06
C SER A 8 -2.09 9.19 -0.31
N TRP A 9 -2.00 8.45 -1.38
CA TRP A 9 -0.74 7.86 -1.80
C TRP A 9 -0.39 8.22 -3.24
N LYS A 10 0.90 8.28 -3.54
CA LYS A 10 1.36 8.46 -4.90
C LYS A 10 2.35 7.35 -5.29
N VAL A 11 2.48 7.15 -6.59
CA VAL A 11 3.38 6.15 -7.13
C VAL A 11 4.83 6.47 -6.78
N GLY A 12 5.53 5.48 -6.30
CA GLY A 12 6.93 5.63 -6.00
C GLY A 12 7.17 5.84 -4.53
N ASP A 13 6.11 5.94 -3.80
CA ASP A 13 6.18 6.16 -2.38
C ASP A 13 6.05 4.90 -1.66
N LYS A 14 6.73 4.79 -0.57
CA LYS A 14 6.62 3.66 0.22
C LYS A 14 5.74 3.87 1.41
N CYS A 15 5.08 2.83 1.72
CA CYS A 15 4.05 2.79 2.68
C CYS A 15 4.15 1.51 3.44
N MET A 16 3.30 1.31 4.37
CA MET A 16 3.24 0.06 5.03
C MET A 16 1.97 -0.60 4.63
N ALA A 17 2.06 -1.80 4.22
CA ALA A 17 0.93 -2.52 3.76
C ALA A 17 0.72 -3.69 4.64
N VAL A 18 -0.50 -4.12 4.74
CA VAL A 18 -0.81 -5.27 5.51
C VAL A 18 -0.64 -6.47 4.60
N TRP A 19 0.34 -7.28 4.92
CA TRP A 19 0.64 -8.45 4.15
C TRP A 19 -0.49 -9.40 4.30
N SER A 20 -1.16 -9.68 3.22
CA SER A 20 -2.35 -10.49 3.25
C SER A 20 -2.06 -11.92 3.74
N GLU A 21 -0.80 -12.31 3.73
CA GLU A 21 -0.42 -13.64 4.14
C GLU A 21 -0.28 -13.72 5.67
N ASP A 22 0.33 -12.70 6.27
CA ASP A 22 0.64 -12.75 7.72
C ASP A 22 -0.34 -11.89 8.52
N GLY A 23 -0.99 -10.97 7.83
CA GLY A 23 -1.97 -10.10 8.45
C GLY A 23 -1.35 -8.94 9.19
N GLN A 24 -0.07 -8.73 9.00
CA GLN A 24 0.63 -7.65 9.66
C GLN A 24 1.12 -6.63 8.67
N CYS A 25 1.55 -5.50 9.17
CA CYS A 25 1.98 -4.42 8.31
C CYS A 25 3.50 -4.43 8.13
N TYR A 26 3.92 -4.28 6.89
CA TYR A 26 5.32 -4.29 6.49
C TYR A 26 5.52 -3.17 5.48
N GLU A 27 6.75 -2.70 5.32
CA GLU A 27 6.99 -1.60 4.41
C GLU A 27 6.98 -2.09 2.96
N ALA A 28 6.23 -1.41 2.15
CA ALA A 28 6.07 -1.74 0.77
C ALA A 28 5.99 -0.48 -0.07
N GLU A 29 6.55 -0.51 -1.24
CA GLU A 29 6.58 0.64 -2.09
C GLU A 29 5.50 0.52 -3.15
N ILE A 30 4.79 1.60 -3.34
CA ILE A 30 3.70 1.68 -4.29
C ILE A 30 4.22 1.77 -5.72
N GLU A 31 3.79 0.83 -6.52
CA GLU A 31 4.17 0.74 -7.92
C GLU A 31 3.08 1.35 -8.80
N GLU A 32 1.85 1.19 -8.39
CA GLU A 32 0.72 1.66 -9.17
C GLU A 32 -0.47 1.86 -8.25
N ILE A 33 -1.33 2.77 -8.60
CA ILE A 33 -2.53 3.06 -7.84
C ILE A 33 -3.74 2.91 -8.75
N ASP A 34 -4.83 2.49 -8.19
CA ASP A 34 -6.08 2.37 -8.87
C ASP A 34 -7.07 3.24 -8.11
N GLU A 35 -7.29 4.45 -8.60
CA GLU A 35 -8.19 5.41 -7.93
C GLU A 35 -9.64 4.95 -7.93
N GLU A 36 -9.98 4.08 -8.86
CA GLU A 36 -11.33 3.62 -9.03
C GLU A 36 -11.73 2.77 -7.81
N ASN A 37 -10.84 1.92 -7.35
CA ASN A 37 -11.11 1.09 -6.17
C ASN A 37 -10.49 1.70 -4.94
N GLY A 38 -9.60 2.63 -5.15
CA GLY A 38 -8.84 3.18 -4.06
C GLY A 38 -7.84 2.16 -3.58
N THR A 39 -7.29 1.41 -4.53
CA THR A 39 -6.33 0.38 -4.23
C THR A 39 -4.97 0.73 -4.80
N ALA A 40 -3.95 0.08 -4.31
CA ALA A 40 -2.62 0.28 -4.80
C ALA A 40 -1.91 -1.03 -4.91
N ALA A 41 -1.08 -1.12 -5.88
CA ALA A 41 -0.26 -2.25 -6.10
C ALA A 41 1.07 -1.93 -5.49
N ILE A 42 1.47 -2.72 -4.55
CA ILE A 42 2.62 -2.43 -3.77
C ILE A 42 3.61 -3.58 -3.79
N THR A 43 4.86 -3.27 -3.67
CA THR A 43 5.90 -4.25 -3.61
C THR A 43 6.60 -4.14 -2.27
N PHE A 44 6.63 -5.23 -1.54
CA PHE A 44 7.21 -5.27 -0.21
C PHE A 44 8.70 -5.08 -0.26
N ALA A 45 9.16 -4.15 0.52
CA ALA A 45 10.55 -3.78 0.58
C ALA A 45 11.34 -4.88 1.25
N GLY A 46 12.46 -5.22 0.68
CA GLY A 46 13.31 -6.24 1.24
C GLY A 46 12.94 -7.62 0.79
N TYR A 47 11.67 -7.95 0.87
CA TYR A 47 11.20 -9.26 0.50
C TYR A 47 11.00 -9.38 -1.01
N GLY A 48 10.30 -8.43 -1.60
CA GLY A 48 10.11 -8.45 -3.04
C GLY A 48 8.78 -9.04 -3.52
N ASN A 49 7.76 -9.06 -2.68
CA ASN A 49 6.44 -9.53 -3.15
C ASN A 49 5.60 -8.36 -3.54
N ALA A 50 4.53 -8.60 -4.21
CA ALA A 50 3.66 -7.55 -4.66
C ALA A 50 2.23 -7.96 -4.49
N GLU A 51 1.43 -7.08 -3.94
CA GLU A 51 0.02 -7.34 -3.79
C GLU A 51 -0.75 -6.06 -4.02
N VAL A 52 -2.02 -6.20 -4.31
CA VAL A 52 -2.87 -5.07 -4.48
C VAL A 52 -3.71 -4.94 -3.24
N THR A 53 -3.52 -3.87 -2.56
CA THR A 53 -4.16 -3.64 -1.29
C THR A 53 -4.76 -2.23 -1.28
N PRO A 54 -5.95 -2.04 -0.69
CA PRO A 54 -6.60 -0.74 -0.64
C PRO A 54 -5.75 0.29 0.09
N LEU A 55 -5.87 1.55 -0.32
CA LEU A 55 -5.12 2.67 0.26
C LEU A 55 -5.40 2.78 1.76
N LEU A 56 -6.57 2.31 2.15
CA LEU A 56 -6.99 2.32 3.54
C LEU A 56 -6.09 1.41 4.39
N ASN A 57 -5.56 0.38 3.74
CA ASN A 57 -4.70 -0.59 4.39
C ASN A 57 -3.27 -0.16 4.35
N LEU A 58 -3.00 0.90 3.62
CA LEU A 58 -1.67 1.41 3.55
C LEU A 58 -1.48 2.42 4.63
N LYS A 59 -0.44 2.26 5.36
CA LYS A 59 -0.15 3.09 6.48
C LYS A 59 1.11 3.88 6.21
N PRO A 60 1.29 5.01 6.88
CA PRO A 60 2.51 5.76 6.76
C PRO A 60 3.65 4.99 7.40
N VAL A 61 4.80 5.05 6.80
CA VAL A 61 5.94 4.30 7.29
C VAL A 61 6.49 4.86 8.56
N GLU A 62 7.07 4.01 9.34
CA GLU A 62 7.74 4.41 10.53
C GLU A 62 9.21 4.39 10.31
N GLU A 63 9.88 5.23 11.01
CA GLU A 63 11.30 5.40 10.85
C GLU A 63 11.98 5.16 12.18
N GLY A 64 11.47 4.21 12.92
CA GLY A 64 12.02 3.92 14.21
C GLY A 64 12.00 2.46 14.50
N ALA A 1 -15.29 6.29 -8.42
CA ALA A 1 -15.40 6.02 -7.00
C ALA A 1 -16.29 7.06 -6.36
N SER A 2 -17.40 6.63 -5.78
CA SER A 2 -18.33 7.52 -5.13
C SER A 2 -17.66 8.14 -3.91
N THR A 3 -17.07 7.31 -3.12
CA THR A 3 -16.39 7.72 -1.95
C THR A 3 -14.90 7.63 -2.22
N GLN A 4 -14.20 8.70 -2.02
CA GLN A 4 -12.77 8.70 -2.22
C GLN A 4 -12.09 7.84 -1.16
N PRO A 5 -10.96 7.22 -1.50
CA PRO A 5 -10.17 6.39 -0.58
C PRO A 5 -9.75 7.16 0.67
N THR A 6 -9.46 6.43 1.71
CA THR A 6 -9.16 6.98 3.00
C THR A 6 -7.75 7.66 3.05
N HIS A 7 -6.91 7.41 2.07
CA HIS A 7 -5.57 7.98 2.10
C HIS A 7 -5.17 8.51 0.72
N SER A 8 -4.16 9.36 0.70
CA SER A 8 -3.65 9.98 -0.50
C SER A 8 -2.24 9.45 -0.78
N TRP A 9 -2.10 8.62 -1.79
CA TRP A 9 -0.83 7.98 -2.09
C TRP A 9 -0.36 8.26 -3.50
N LYS A 10 0.96 8.22 -3.69
CA LYS A 10 1.52 8.35 -5.02
C LYS A 10 2.45 7.16 -5.31
N VAL A 11 2.69 6.91 -6.57
CA VAL A 11 3.58 5.85 -7.02
C VAL A 11 5.01 6.11 -6.56
N GLY A 12 5.69 5.08 -6.09
CA GLY A 12 7.05 5.19 -5.66
C GLY A 12 7.18 5.68 -4.25
N ASP A 13 6.08 5.73 -3.54
CA ASP A 13 6.08 6.19 -2.17
C ASP A 13 6.28 5.01 -1.29
N LYS A 14 6.62 5.25 -0.07
CA LYS A 14 6.78 4.20 0.84
C LYS A 14 5.57 4.18 1.72
N CYS A 15 5.03 3.06 1.85
CA CYS A 15 3.88 2.87 2.67
C CYS A 15 4.04 1.59 3.43
N MET A 16 3.12 1.32 4.28
CA MET A 16 3.12 0.08 4.97
C MET A 16 1.85 -0.61 4.61
N ALA A 17 1.96 -1.82 4.20
CA ALA A 17 0.84 -2.58 3.77
C ALA A 17 0.69 -3.77 4.66
N VAL A 18 -0.51 -4.21 4.84
CA VAL A 18 -0.76 -5.38 5.63
C VAL A 18 -0.64 -6.58 4.73
N TRP A 19 0.35 -7.39 5.00
CA TRP A 19 0.59 -8.58 4.24
C TRP A 19 -0.49 -9.51 4.49
N SER A 20 -1.19 -9.76 3.46
CA SER A 20 -2.35 -10.57 3.45
C SER A 20 -2.07 -12.02 3.88
N GLU A 21 -0.82 -12.41 3.85
CA GLU A 21 -0.43 -13.75 4.23
C GLU A 21 -0.25 -13.87 5.73
N ASP A 22 0.33 -12.87 6.33
CA ASP A 22 0.72 -12.96 7.75
C ASP A 22 -0.18 -12.11 8.63
N GLY A 23 -0.86 -11.16 8.03
CA GLY A 23 -1.76 -10.30 8.77
C GLY A 23 -1.06 -9.12 9.44
N GLN A 24 0.20 -8.91 9.12
CA GLN A 24 0.96 -7.81 9.72
C GLN A 24 1.33 -6.76 8.71
N CYS A 25 1.78 -5.63 9.18
CA CYS A 25 2.12 -4.52 8.30
C CYS A 25 3.61 -4.48 8.05
N TYR A 26 3.95 -4.30 6.80
CA TYR A 26 5.33 -4.27 6.37
C TYR A 26 5.51 -3.13 5.40
N GLU A 27 6.73 -2.68 5.29
CA GLU A 27 7.08 -1.54 4.45
C GLU A 27 7.07 -1.96 2.99
N ALA A 28 6.38 -1.21 2.18
CA ALA A 28 6.20 -1.51 0.80
C ALA A 28 6.21 -0.26 -0.02
N GLU A 29 6.60 -0.36 -1.25
CA GLU A 29 6.61 0.75 -2.13
C GLU A 29 5.49 0.58 -3.12
N ILE A 30 4.76 1.62 -3.37
CA ILE A 30 3.64 1.61 -4.29
C ILE A 30 4.12 1.60 -5.73
N GLU A 31 3.67 0.62 -6.45
CA GLU A 31 4.03 0.44 -7.84
C GLU A 31 3.04 1.15 -8.74
N GLU A 32 1.78 1.10 -8.39
CA GLU A 32 0.73 1.72 -9.17
C GLU A 32 -0.50 1.87 -8.31
N ILE A 33 -1.32 2.85 -8.60
CA ILE A 33 -2.52 3.13 -7.86
C ILE A 33 -3.72 3.06 -8.77
N ASP A 34 -4.79 2.55 -8.24
CA ASP A 34 -6.07 2.50 -8.90
C ASP A 34 -7.01 3.29 -8.06
N GLU A 35 -7.15 4.55 -8.38
CA GLU A 35 -7.99 5.46 -7.64
C GLU A 35 -9.47 5.10 -7.73
N GLU A 36 -9.83 4.29 -8.71
CA GLU A 36 -11.20 3.91 -8.96
C GLU A 36 -11.70 3.01 -7.82
N ASN A 37 -10.87 2.09 -7.41
CA ASN A 37 -11.20 1.20 -6.30
C ASN A 37 -10.58 1.70 -5.05
N GLY A 38 -9.66 2.62 -5.21
CA GLY A 38 -8.92 3.12 -4.11
C GLY A 38 -7.90 2.09 -3.69
N THR A 39 -7.37 1.40 -4.65
CA THR A 39 -6.40 0.37 -4.40
C THR A 39 -5.05 0.74 -4.95
N ALA A 40 -4.03 0.03 -4.52
CA ALA A 40 -2.72 0.23 -5.01
C ALA A 40 -1.99 -1.09 -5.07
N ALA A 41 -1.18 -1.23 -6.06
CA ALA A 41 -0.34 -2.38 -6.18
C ALA A 41 0.96 -2.02 -5.52
N ILE A 42 1.38 -2.79 -4.57
CA ILE A 42 2.54 -2.46 -3.80
C ILE A 42 3.53 -3.58 -3.81
N THR A 43 4.79 -3.25 -3.60
CA THR A 43 5.82 -4.22 -3.52
C THR A 43 6.55 -4.08 -2.20
N PHE A 44 6.57 -5.17 -1.44
CA PHE A 44 7.19 -5.22 -0.13
C PHE A 44 8.67 -5.04 -0.21
N ALA A 45 9.16 -4.05 0.51
CA ALA A 45 10.55 -3.68 0.48
C ALA A 45 11.40 -4.78 1.08
N GLY A 46 12.42 -5.15 0.35
CA GLY A 46 13.32 -6.18 0.83
C GLY A 46 12.89 -7.54 0.36
N TYR A 47 11.69 -7.94 0.75
CA TYR A 47 11.16 -9.24 0.41
C TYR A 47 10.90 -9.33 -1.10
N GLY A 48 10.26 -8.30 -1.64
CA GLY A 48 10.05 -8.24 -3.07
C GLY A 48 8.72 -8.80 -3.54
N ASN A 49 7.74 -8.97 -2.66
CA ASN A 49 6.43 -9.47 -3.12
C ASN A 49 5.56 -8.33 -3.49
N ALA A 50 4.50 -8.61 -4.18
CA ALA A 50 3.61 -7.58 -4.63
C ALA A 50 2.18 -8.03 -4.45
N GLU A 51 1.35 -7.13 -4.00
CA GLU A 51 -0.04 -7.42 -3.82
C GLU A 51 -0.88 -6.17 -4.07
N VAL A 52 -2.14 -6.36 -4.34
CA VAL A 52 -3.04 -5.24 -4.54
C VAL A 52 -3.81 -5.01 -3.26
N THR A 53 -3.55 -3.91 -2.64
CA THR A 53 -4.14 -3.61 -1.37
C THR A 53 -4.77 -2.21 -1.42
N PRO A 54 -5.94 -2.01 -0.80
CA PRO A 54 -6.59 -0.73 -0.76
C PRO A 54 -5.76 0.32 -0.03
N LEU A 55 -5.88 1.55 -0.46
CA LEU A 55 -5.16 2.70 0.11
C LEU A 55 -5.46 2.85 1.59
N LEU A 56 -6.61 2.38 1.98
CA LEU A 56 -7.05 2.39 3.37
C LEU A 56 -6.14 1.52 4.23
N ASN A 57 -5.57 0.52 3.61
CA ASN A 57 -4.70 -0.42 4.28
C ASN A 57 -3.29 0.07 4.29
N LEU A 58 -3.00 1.05 3.47
CA LEU A 58 -1.69 1.58 3.40
C LEU A 58 -1.51 2.61 4.48
N LYS A 59 -0.45 2.46 5.20
CA LYS A 59 -0.13 3.34 6.28
C LYS A 59 1.16 4.06 5.95
N PRO A 60 1.41 5.21 6.58
CA PRO A 60 2.66 5.90 6.40
C PRO A 60 3.79 5.13 7.07
N VAL A 61 4.99 5.29 6.58
CA VAL A 61 6.09 4.56 7.14
C VAL A 61 6.59 5.15 8.43
N GLU A 62 6.73 4.32 9.41
CA GLU A 62 7.32 4.72 10.64
C GLU A 62 8.77 4.30 10.62
N GLU A 63 9.50 4.62 11.64
CA GLU A 63 10.90 4.29 11.71
C GLU A 63 11.11 3.00 12.47
N GLY A 64 10.05 2.50 13.02
CA GLY A 64 10.12 1.33 13.81
C GLY A 64 8.87 0.54 13.65
N ALA A 1 -14.82 3.80 -4.92
CA ALA A 1 -14.55 2.70 -3.99
C ALA A 1 -15.58 2.72 -2.90
N SER A 2 -15.80 1.58 -2.28
CA SER A 2 -16.73 1.49 -1.17
C SER A 2 -16.10 2.08 0.09
N THR A 3 -14.80 1.95 0.19
CA THR A 3 -14.05 2.50 1.28
C THR A 3 -13.21 3.68 0.81
N GLN A 4 -13.61 4.86 1.25
CA GLN A 4 -12.98 6.10 0.86
C GLN A 4 -11.65 6.28 1.59
N PRO A 5 -10.54 6.32 0.85
CA PRO A 5 -9.23 6.49 1.45
C PRO A 5 -8.99 7.92 1.92
N THR A 6 -8.46 8.06 3.09
CA THR A 6 -8.19 9.37 3.64
C THR A 6 -6.76 9.80 3.29
N HIS A 7 -5.92 8.83 3.06
CA HIS A 7 -4.55 9.08 2.70
C HIS A 7 -4.42 9.37 1.23
N SER A 8 -3.37 10.05 0.89
CA SER A 8 -3.09 10.42 -0.44
C SER A 8 -1.76 9.78 -0.81
N TRP A 9 -1.80 8.84 -1.71
CA TRP A 9 -0.63 8.08 -2.08
C TRP A 9 -0.24 8.30 -3.53
N LYS A 10 1.05 8.17 -3.81
CA LYS A 10 1.57 8.30 -5.16
C LYS A 10 2.50 7.12 -5.46
N VAL A 11 2.75 6.89 -6.73
CA VAL A 11 3.69 5.87 -7.17
C VAL A 11 5.10 6.21 -6.72
N GLY A 12 5.79 5.23 -6.18
CA GLY A 12 7.15 5.42 -5.75
C GLY A 12 7.25 5.91 -4.34
N ASP A 13 6.17 5.81 -3.61
CA ASP A 13 6.17 6.25 -2.23
C ASP A 13 6.31 5.06 -1.34
N LYS A 14 6.73 5.31 -0.15
CA LYS A 14 6.85 4.29 0.80
C LYS A 14 5.64 4.30 1.69
N CYS A 15 5.08 3.16 1.85
CA CYS A 15 3.96 2.98 2.70
C CYS A 15 4.14 1.69 3.44
N MET A 16 3.26 1.40 4.32
CA MET A 16 3.27 0.14 4.98
C MET A 16 2.00 -0.54 4.64
N ALA A 17 2.09 -1.75 4.22
CA ALA A 17 0.96 -2.49 3.77
C ALA A 17 0.76 -3.67 4.66
N VAL A 18 -0.45 -4.11 4.75
CA VAL A 18 -0.77 -5.28 5.50
C VAL A 18 -0.67 -6.46 4.57
N TRP A 19 0.30 -7.31 4.82
CA TRP A 19 0.54 -8.47 4.01
C TRP A 19 -0.62 -9.40 4.17
N SER A 20 -1.29 -9.67 3.08
CA SER A 20 -2.49 -10.49 3.07
C SER A 20 -2.19 -11.90 3.62
N GLU A 21 -0.94 -12.30 3.59
CA GLU A 21 -0.57 -13.62 4.02
C GLU A 21 -0.47 -13.72 5.53
N ASP A 22 0.10 -12.73 6.16
CA ASP A 22 0.36 -12.84 7.59
C ASP A 22 -0.57 -11.96 8.41
N GLY A 23 -1.16 -10.98 7.76
CA GLY A 23 -2.05 -10.05 8.44
C GLY A 23 -1.28 -9.00 9.23
N GLN A 24 -0.03 -8.83 8.90
CA GLN A 24 0.82 -7.86 9.57
C GLN A 24 1.23 -6.76 8.63
N CYS A 25 1.76 -5.69 9.16
CA CYS A 25 2.14 -4.56 8.33
C CYS A 25 3.64 -4.50 8.11
N TYR A 26 4.02 -4.28 6.87
CA TYR A 26 5.41 -4.26 6.42
C TYR A 26 5.60 -3.10 5.47
N GLU A 27 6.83 -2.63 5.29
CA GLU A 27 7.11 -1.52 4.41
C GLU A 27 7.00 -1.97 2.96
N ALA A 28 6.29 -1.22 2.19
CA ALA A 28 6.08 -1.51 0.81
C ALA A 28 6.09 -0.24 -0.01
N GLU A 29 6.55 -0.33 -1.22
CA GLU A 29 6.59 0.80 -2.10
C GLU A 29 5.49 0.65 -3.13
N ILE A 30 4.79 1.71 -3.37
CA ILE A 30 3.68 1.72 -4.31
C ILE A 30 4.18 1.76 -5.74
N GLU A 31 3.71 0.81 -6.52
CA GLU A 31 4.06 0.67 -7.92
C GLU A 31 3.01 1.31 -8.81
N GLU A 32 1.77 1.18 -8.42
CA GLU A 32 0.67 1.70 -9.22
C GLU A 32 -0.54 1.92 -8.35
N ILE A 33 -1.37 2.84 -8.72
CA ILE A 33 -2.57 3.19 -7.97
C ILE A 33 -3.82 3.02 -8.85
N ASP A 34 -4.84 2.49 -8.26
CA ASP A 34 -6.14 2.34 -8.88
C ASP A 34 -7.14 3.10 -8.03
N GLU A 35 -7.40 4.32 -8.41
CA GLU A 35 -8.28 5.20 -7.65
C GLU A 35 -9.73 4.71 -7.63
N GLU A 36 -10.13 3.94 -8.62
CA GLU A 36 -11.52 3.49 -8.73
C GLU A 36 -11.85 2.56 -7.55
N ASN A 37 -10.94 1.66 -7.26
CA ASN A 37 -11.14 0.72 -6.16
C ASN A 37 -10.49 1.21 -4.92
N GLY A 38 -9.71 2.27 -5.08
CA GLY A 38 -8.97 2.80 -3.98
C GLY A 38 -7.86 1.87 -3.59
N THR A 39 -7.36 1.12 -4.54
CA THR A 39 -6.34 0.15 -4.26
C THR A 39 -5.04 0.52 -4.93
N ALA A 40 -3.98 0.04 -4.40
CA ALA A 40 -2.69 0.29 -4.93
C ALA A 40 -1.91 -0.99 -5.01
N ALA A 41 -1.11 -1.10 -6.01
CA ALA A 41 -0.24 -2.23 -6.16
C ALA A 41 1.05 -1.87 -5.50
N ILE A 42 1.44 -2.66 -4.55
CA ILE A 42 2.59 -2.35 -3.74
C ILE A 42 3.57 -3.49 -3.76
N THR A 43 4.82 -3.18 -3.59
CA THR A 43 5.86 -4.15 -3.52
C THR A 43 6.55 -4.07 -2.15
N PHE A 44 6.62 -5.20 -1.48
CA PHE A 44 7.20 -5.30 -0.17
C PHE A 44 8.70 -5.16 -0.20
N ALA A 45 9.18 -4.18 0.52
CA ALA A 45 10.58 -3.84 0.55
C ALA A 45 11.36 -4.90 1.30
N GLY A 46 12.37 -5.42 0.67
CA GLY A 46 13.21 -6.42 1.27
C GLY A 46 12.85 -7.81 0.84
N TYR A 47 11.57 -8.09 0.82
CA TYR A 47 11.09 -9.40 0.46
C TYR A 47 10.89 -9.52 -1.05
N GLY A 48 10.28 -8.51 -1.64
CA GLY A 48 10.10 -8.50 -3.08
C GLY A 48 8.75 -9.01 -3.58
N ASN A 49 7.75 -9.09 -2.71
CA ASN A 49 6.42 -9.51 -3.18
C ASN A 49 5.61 -8.32 -3.53
N ALA A 50 4.53 -8.54 -4.22
CA ALA A 50 3.68 -7.47 -4.63
C ALA A 50 2.25 -7.89 -4.49
N GLU A 51 1.44 -7.01 -3.97
CA GLU A 51 0.04 -7.29 -3.82
C GLU A 51 -0.74 -6.02 -4.07
N VAL A 52 -2.00 -6.18 -4.38
CA VAL A 52 -2.88 -5.07 -4.59
C VAL A 52 -3.69 -4.88 -3.31
N THR A 53 -3.43 -3.82 -2.63
CA THR A 53 -4.03 -3.57 -1.35
C THR A 53 -4.64 -2.16 -1.32
N PRO A 54 -5.82 -2.00 -0.68
CA PRO A 54 -6.50 -0.71 -0.60
C PRO A 54 -5.68 0.34 0.12
N LEU A 55 -5.83 1.57 -0.29
CA LEU A 55 -5.16 2.73 0.29
C LEU A 55 -5.47 2.88 1.77
N LEU A 56 -6.62 2.36 2.17
CA LEU A 56 -7.05 2.35 3.57
C LEU A 56 -6.08 1.51 4.41
N ASN A 57 -5.52 0.48 3.77
CA ASN A 57 -4.62 -0.45 4.44
C ASN A 57 -3.24 0.12 4.52
N LEU A 58 -2.95 1.05 3.64
CA LEU A 58 -1.63 1.62 3.58
C LEU A 58 -1.43 2.62 4.69
N LYS A 59 -0.32 2.47 5.35
CA LYS A 59 0.05 3.33 6.43
C LYS A 59 1.28 4.10 6.03
N PRO A 60 1.57 5.22 6.69
CA PRO A 60 2.81 5.94 6.46
C PRO A 60 3.98 5.19 7.07
N VAL A 61 5.14 5.36 6.53
CA VAL A 61 6.33 4.70 7.04
C VAL A 61 6.95 5.52 8.14
N GLU A 62 8.06 5.03 8.66
CA GLU A 62 8.80 5.76 9.67
C GLU A 62 9.57 6.87 9.04
N GLU A 63 8.86 7.93 8.83
CA GLU A 63 9.31 9.11 8.11
C GLU A 63 8.17 10.08 8.14
N GLY A 64 7.02 9.53 8.03
CA GLY A 64 5.82 10.29 8.06
C GLY A 64 5.56 10.91 6.72
N ALA A 1 -15.06 3.96 -7.71
CA ALA A 1 -16.19 3.10 -7.44
C ALA A 1 -16.26 2.84 -5.96
N SER A 2 -17.47 2.69 -5.44
CA SER A 2 -17.73 2.42 -4.02
C SER A 2 -17.39 3.63 -3.14
N THR A 3 -16.11 3.84 -2.88
CA THR A 3 -15.63 4.92 -2.09
C THR A 3 -14.10 4.90 -2.11
N GLN A 4 -13.50 6.05 -2.26
CA GLN A 4 -12.07 6.14 -2.29
C GLN A 4 -11.57 6.56 -0.92
N PRO A 5 -10.55 5.88 -0.39
CA PRO A 5 -9.94 6.23 0.90
C PRO A 5 -9.40 7.66 0.85
N THR A 6 -9.35 8.31 2.00
CA THR A 6 -8.91 9.70 2.05
C THR A 6 -7.38 9.77 2.14
N HIS A 7 -6.74 8.62 2.07
CA HIS A 7 -5.30 8.55 2.02
C HIS A 7 -4.85 8.85 0.62
N SER A 8 -4.03 9.84 0.48
CA SER A 8 -3.51 10.24 -0.79
C SER A 8 -2.11 9.66 -0.94
N TRP A 9 -1.95 8.81 -1.91
CA TRP A 9 -0.71 8.15 -2.17
C TRP A 9 -0.28 8.38 -3.61
N LYS A 10 1.02 8.38 -3.85
CA LYS A 10 1.54 8.49 -5.20
C LYS A 10 2.46 7.33 -5.48
N VAL A 11 2.65 7.03 -6.75
CA VAL A 11 3.56 5.99 -7.15
C VAL A 11 4.97 6.38 -6.75
N GLY A 12 5.64 5.48 -6.06
CA GLY A 12 6.95 5.78 -5.58
C GLY A 12 6.95 6.02 -4.09
N ASP A 13 5.77 6.09 -3.50
CA ASP A 13 5.67 6.27 -2.05
C ASP A 13 6.01 5.03 -1.32
N LYS A 14 6.60 5.23 -0.18
CA LYS A 14 6.85 4.16 0.71
C LYS A 14 5.71 4.14 1.66
N CYS A 15 5.16 3.01 1.84
CA CYS A 15 4.04 2.86 2.68
C CYS A 15 4.19 1.59 3.45
N MET A 16 3.28 1.33 4.30
CA MET A 16 3.27 0.08 4.98
C MET A 16 1.97 -0.57 4.65
N ALA A 17 2.04 -1.78 4.23
CA ALA A 17 0.90 -2.50 3.79
C ALA A 17 0.71 -3.70 4.66
N VAL A 18 -0.50 -4.14 4.79
CA VAL A 18 -0.79 -5.30 5.56
C VAL A 18 -0.67 -6.50 4.65
N TRP A 19 0.31 -7.34 4.94
CA TRP A 19 0.58 -8.51 4.17
C TRP A 19 -0.52 -9.45 4.36
N SER A 20 -1.17 -9.68 3.29
CA SER A 20 -2.31 -10.50 3.22
C SER A 20 -2.07 -11.94 3.65
N GLU A 21 -0.83 -12.33 3.68
CA GLU A 21 -0.48 -13.66 4.04
C GLU A 21 -0.39 -13.84 5.53
N ASP A 22 0.22 -12.88 6.20
CA ASP A 22 0.48 -13.03 7.63
C ASP A 22 -0.42 -12.15 8.48
N GLY A 23 -1.00 -11.14 7.87
CA GLY A 23 -1.90 -10.25 8.60
C GLY A 23 -1.18 -9.13 9.35
N GLN A 24 0.09 -8.94 9.06
CA GLN A 24 0.87 -7.90 9.72
C GLN A 24 1.24 -6.81 8.73
N CYS A 25 1.74 -5.71 9.23
CA CYS A 25 2.06 -4.59 8.35
C CYS A 25 3.55 -4.54 8.09
N TYR A 26 3.91 -4.35 6.84
CA TYR A 26 5.29 -4.34 6.39
C TYR A 26 5.52 -3.19 5.43
N GLU A 27 6.75 -2.77 5.31
CA GLU A 27 7.13 -1.67 4.46
C GLU A 27 7.08 -2.09 2.98
N ALA A 28 6.37 -1.33 2.22
CA ALA A 28 6.18 -1.61 0.82
C ALA A 28 6.14 -0.33 0.02
N GLU A 29 6.57 -0.41 -1.20
CA GLU A 29 6.56 0.75 -2.06
C GLU A 29 5.45 0.59 -3.07
N ILE A 30 4.77 1.66 -3.34
CA ILE A 30 3.68 1.68 -4.28
C ILE A 30 4.21 1.70 -5.71
N GLU A 31 3.80 0.71 -6.45
CA GLU A 31 4.19 0.53 -7.83
C GLU A 31 3.18 1.16 -8.77
N GLU A 32 1.92 1.08 -8.39
CA GLU A 32 0.85 1.59 -9.20
C GLU A 32 -0.38 1.79 -8.32
N ILE A 33 -1.22 2.73 -8.68
CA ILE A 33 -2.41 3.06 -7.92
C ILE A 33 -3.65 2.91 -8.78
N ASP A 34 -4.69 2.37 -8.19
CA ASP A 34 -5.98 2.25 -8.82
C ASP A 34 -6.96 3.06 -8.01
N GLU A 35 -7.15 4.27 -8.41
CA GLU A 35 -8.06 5.21 -7.74
C GLU A 35 -9.51 4.75 -7.85
N GLU A 36 -9.79 3.86 -8.78
CA GLU A 36 -11.14 3.42 -9.03
C GLU A 36 -11.64 2.55 -7.86
N ASN A 37 -10.79 1.67 -7.40
CA ASN A 37 -11.13 0.82 -6.27
C ASN A 37 -10.53 1.36 -5.02
N GLY A 38 -9.70 2.36 -5.19
CA GLY A 38 -8.99 2.92 -4.09
C GLY A 38 -7.91 1.97 -3.63
N THR A 39 -7.35 1.23 -4.55
CA THR A 39 -6.33 0.27 -4.24
C THR A 39 -5.00 0.67 -4.84
N ALA A 40 -3.96 0.06 -4.37
CA ALA A 40 -2.66 0.28 -4.88
C ALA A 40 -1.92 -1.01 -4.94
N ALA A 41 -1.12 -1.15 -5.93
CA ALA A 41 -0.29 -2.28 -6.08
C ALA A 41 1.03 -1.93 -5.46
N ILE A 42 1.42 -2.70 -4.51
CA ILE A 42 2.57 -2.39 -3.73
C ILE A 42 3.54 -3.55 -3.75
N THR A 43 4.80 -3.25 -3.61
CA THR A 43 5.81 -4.24 -3.53
C THR A 43 6.52 -4.12 -2.21
N PHE A 44 6.52 -5.20 -1.46
CA PHE A 44 7.14 -5.26 -0.17
C PHE A 44 8.63 -5.15 -0.31
N ALA A 45 9.15 -4.12 0.29
CA ALA A 45 10.55 -3.80 0.19
C ALA A 45 11.37 -4.83 0.94
N GLY A 46 12.40 -5.31 0.32
CA GLY A 46 13.26 -6.27 0.95
C GLY A 46 12.90 -7.69 0.58
N TYR A 47 11.63 -8.01 0.72
CA TYR A 47 11.15 -9.34 0.40
C TYR A 47 10.93 -9.47 -1.10
N GLY A 48 10.23 -8.51 -1.69
CA GLY A 48 10.03 -8.52 -3.12
C GLY A 48 8.69 -9.08 -3.59
N ASN A 49 7.64 -9.03 -2.77
CA ASN A 49 6.33 -9.49 -3.25
C ASN A 49 5.47 -8.31 -3.54
N ALA A 50 4.42 -8.54 -4.24
CA ALA A 50 3.53 -7.50 -4.65
C ALA A 50 2.12 -7.93 -4.41
N GLU A 51 1.31 -7.01 -3.95
CA GLU A 51 -0.07 -7.28 -3.75
C GLU A 51 -0.86 -6.01 -3.96
N VAL A 52 -2.12 -6.16 -4.25
CA VAL A 52 -2.99 -5.04 -4.43
C VAL A 52 -3.77 -4.83 -3.15
N THR A 53 -3.50 -3.75 -2.50
CA THR A 53 -4.09 -3.46 -1.22
C THR A 53 -4.73 -2.06 -1.25
N PRO A 54 -5.91 -1.88 -0.62
CA PRO A 54 -6.57 -0.60 -0.58
C PRO A 54 -5.73 0.46 0.11
N LEU A 55 -5.85 1.69 -0.34
CA LEU A 55 -5.13 2.85 0.22
C LEU A 55 -5.44 3.00 1.70
N LEU A 56 -6.61 2.51 2.09
CA LEU A 56 -7.06 2.54 3.48
C LEU A 56 -6.15 1.68 4.35
N ASN A 57 -5.59 0.65 3.75
CA ASN A 57 -4.73 -0.29 4.44
C ASN A 57 -3.29 0.14 4.39
N LEU A 58 -3.01 1.18 3.63
CA LEU A 58 -1.68 1.70 3.55
C LEU A 58 -1.43 2.67 4.66
N LYS A 59 -0.32 2.49 5.31
CA LYS A 59 0.08 3.35 6.39
C LYS A 59 1.32 4.09 5.95
N PRO A 60 1.61 5.22 6.56
CA PRO A 60 2.85 5.91 6.32
C PRO A 60 3.97 5.20 7.03
N VAL A 61 5.13 5.20 6.45
CA VAL A 61 6.26 4.54 7.04
C VAL A 61 6.80 5.32 8.22
N GLU A 62 7.53 4.64 9.06
CA GLU A 62 8.19 5.31 10.14
C GLU A 62 9.36 6.07 9.57
N GLU A 63 9.69 7.17 10.15
CA GLU A 63 10.69 8.00 9.57
C GLU A 63 11.86 8.26 10.50
N GLY A 64 12.96 7.67 10.14
CA GLY A 64 14.17 7.87 10.84
C GLY A 64 15.27 8.15 9.86
N ALA A 1 -15.02 5.66 -8.83
CA ALA A 1 -14.52 5.41 -7.48
C ALA A 1 -15.67 5.51 -6.50
N SER A 2 -16.19 4.37 -6.12
CA SER A 2 -17.26 4.29 -5.18
C SER A 2 -16.71 4.64 -3.80
N THR A 3 -15.54 4.14 -3.52
CA THR A 3 -14.88 4.47 -2.31
C THR A 3 -13.70 5.38 -2.67
N GLN A 4 -13.55 6.45 -1.91
CA GLN A 4 -12.52 7.42 -2.17
C GLN A 4 -11.30 7.13 -1.30
N PRO A 5 -10.08 7.51 -1.76
CA PRO A 5 -8.83 7.30 -1.03
C PRO A 5 -8.90 7.78 0.42
N THR A 6 -8.42 6.93 1.31
CA THR A 6 -8.40 7.24 2.71
C THR A 6 -7.19 8.15 3.02
N HIS A 7 -6.13 7.96 2.28
CA HIS A 7 -4.91 8.74 2.42
C HIS A 7 -4.44 9.09 1.02
N SER A 8 -3.58 10.06 0.92
CA SER A 8 -3.09 10.47 -0.37
C SER A 8 -1.76 9.78 -0.65
N TRP A 9 -1.78 8.85 -1.59
CA TRP A 9 -0.62 8.08 -1.93
C TRP A 9 -0.29 8.28 -3.40
N LYS A 10 0.98 8.30 -3.73
CA LYS A 10 1.42 8.38 -5.11
C LYS A 10 2.41 7.27 -5.41
N VAL A 11 2.66 7.06 -6.69
CA VAL A 11 3.63 6.06 -7.12
C VAL A 11 5.02 6.46 -6.64
N GLY A 12 5.67 5.55 -5.97
CA GLY A 12 6.98 5.82 -5.46
C GLY A 12 6.98 6.09 -3.98
N ASP A 13 5.81 6.12 -3.39
CA ASP A 13 5.69 6.33 -1.95
C ASP A 13 6.01 5.09 -1.18
N LYS A 14 6.53 5.28 -0.02
CA LYS A 14 6.77 4.20 0.89
C LYS A 14 5.60 4.14 1.80
N CYS A 15 5.09 3.01 1.96
CA CYS A 15 3.96 2.82 2.80
C CYS A 15 4.14 1.54 3.55
N MET A 16 3.30 1.31 4.47
CA MET A 16 3.28 0.05 5.12
C MET A 16 2.01 -0.59 4.75
N ALA A 17 2.10 -1.78 4.30
CA ALA A 17 0.96 -2.48 3.84
C ALA A 17 0.77 -3.67 4.69
N VAL A 18 -0.45 -4.09 4.81
CA VAL A 18 -0.76 -5.25 5.57
C VAL A 18 -0.62 -6.42 4.66
N TRP A 19 0.35 -7.26 4.96
CA TRP A 19 0.62 -8.43 4.18
C TRP A 19 -0.53 -9.35 4.37
N SER A 20 -1.24 -9.62 3.32
CA SER A 20 -2.44 -10.42 3.37
C SER A 20 -2.12 -11.86 3.84
N GLU A 21 -0.87 -12.25 3.76
CA GLU A 21 -0.48 -13.59 4.17
C GLU A 21 -0.33 -13.69 5.68
N ASP A 22 0.22 -12.66 6.31
CA ASP A 22 0.51 -12.74 7.76
C ASP A 22 -0.43 -11.87 8.57
N GLY A 23 -1.05 -10.92 7.92
CA GLY A 23 -2.00 -10.04 8.58
C GLY A 23 -1.34 -8.88 9.31
N GLN A 24 -0.06 -8.69 9.07
CA GLN A 24 0.69 -7.62 9.72
C GLN A 24 1.16 -6.59 8.71
N CYS A 25 1.66 -5.47 9.18
CA CYS A 25 2.08 -4.40 8.30
C CYS A 25 3.59 -4.40 8.11
N TYR A 26 3.99 -4.26 6.86
CA TYR A 26 5.39 -4.29 6.45
C TYR A 26 5.63 -3.17 5.45
N GLU A 27 6.87 -2.75 5.31
CA GLU A 27 7.22 -1.65 4.41
C GLU A 27 7.14 -2.09 2.95
N ALA A 28 6.41 -1.34 2.19
CA ALA A 28 6.17 -1.63 0.80
C ALA A 28 6.15 -0.34 0.02
N GLU A 29 6.54 -0.41 -1.21
CA GLU A 29 6.55 0.75 -2.04
C GLU A 29 5.43 0.66 -3.05
N ILE A 30 4.72 1.73 -3.22
CA ILE A 30 3.62 1.79 -4.16
C ILE A 30 4.12 1.88 -5.58
N GLU A 31 3.72 0.93 -6.35
CA GLU A 31 4.11 0.80 -7.72
C GLU A 31 3.06 1.36 -8.66
N GLU A 32 1.81 1.16 -8.34
CA GLU A 32 0.72 1.63 -9.17
C GLU A 32 -0.50 1.82 -8.31
N ILE A 33 -1.31 2.78 -8.64
CA ILE A 33 -2.51 3.06 -7.88
C ILE A 33 -3.72 2.94 -8.76
N ASP A 34 -4.63 2.14 -8.33
CA ASP A 34 -5.90 1.97 -9.00
C ASP A 34 -6.89 2.82 -8.24
N GLU A 35 -7.01 4.02 -8.69
CA GLU A 35 -7.86 5.00 -8.05
C GLU A 35 -9.35 4.67 -8.13
N GLU A 36 -9.70 3.77 -9.04
CA GLU A 36 -11.09 3.41 -9.27
C GLU A 36 -11.60 2.58 -8.08
N ASN A 37 -10.77 1.66 -7.63
CA ASN A 37 -11.10 0.80 -6.50
C ASN A 37 -10.52 1.36 -5.23
N GLY A 38 -9.64 2.33 -5.37
CA GLY A 38 -8.96 2.89 -4.23
C GLY A 38 -7.90 1.94 -3.74
N THR A 39 -7.37 1.14 -4.63
CA THR A 39 -6.37 0.17 -4.25
C THR A 39 -5.04 0.50 -4.88
N ALA A 40 -3.99 0.04 -4.29
CA ALA A 40 -2.68 0.29 -4.80
C ALA A 40 -1.92 -1.00 -4.87
N ALA A 41 -1.14 -1.12 -5.89
CA ALA A 41 -0.27 -2.23 -6.06
C ALA A 41 1.03 -1.88 -5.41
N ILE A 42 1.41 -2.65 -4.46
CA ILE A 42 2.55 -2.35 -3.66
C ILE A 42 3.52 -3.50 -3.69
N THR A 43 4.77 -3.19 -3.63
CA THR A 43 5.79 -4.18 -3.60
C THR A 43 6.56 -4.08 -2.28
N PHE A 44 6.58 -5.18 -1.57
CA PHE A 44 7.24 -5.28 -0.29
C PHE A 44 8.73 -5.23 -0.45
N ALA A 45 9.32 -4.20 0.12
CA ALA A 45 10.74 -3.96 0.02
C ALA A 45 11.52 -5.10 0.67
N GLY A 46 12.56 -5.52 0.00
CA GLY A 46 13.38 -6.58 0.52
C GLY A 46 12.88 -7.95 0.11
N TYR A 47 11.64 -8.25 0.46
CA TYR A 47 11.04 -9.53 0.18
C TYR A 47 10.73 -9.67 -1.30
N GLY A 48 10.19 -8.61 -1.88
CA GLY A 48 9.93 -8.59 -3.30
C GLY A 48 8.55 -9.10 -3.70
N ASN A 49 7.59 -9.09 -2.81
CA ASN A 49 6.23 -9.49 -3.21
C ASN A 49 5.44 -8.29 -3.55
N ALA A 50 4.37 -8.49 -4.22
CA ALA A 50 3.53 -7.42 -4.62
C ALA A 50 2.10 -7.81 -4.45
N GLU A 51 1.32 -6.96 -3.87
CA GLU A 51 -0.07 -7.23 -3.71
C GLU A 51 -0.84 -5.96 -3.95
N VAL A 52 -2.07 -6.11 -4.34
CA VAL A 52 -2.93 -4.99 -4.53
C VAL A 52 -3.74 -4.82 -3.26
N THR A 53 -3.45 -3.78 -2.55
CA THR A 53 -4.06 -3.56 -1.27
C THR A 53 -4.69 -2.15 -1.25
N PRO A 54 -5.87 -1.98 -0.63
CA PRO A 54 -6.55 -0.69 -0.57
C PRO A 54 -5.73 0.35 0.16
N LEU A 55 -5.91 1.60 -0.25
CA LEU A 55 -5.20 2.75 0.34
C LEU A 55 -5.49 2.87 1.83
N LEU A 56 -6.64 2.35 2.23
CA LEU A 56 -7.06 2.33 3.62
C LEU A 56 -6.13 1.44 4.45
N ASN A 57 -5.55 0.45 3.79
CA ASN A 57 -4.66 -0.51 4.44
C ASN A 57 -3.25 -0.01 4.44
N LEU A 58 -3.02 1.07 3.77
CA LEU A 58 -1.71 1.63 3.70
C LEU A 58 -1.48 2.57 4.84
N LYS A 59 -0.38 2.40 5.49
CA LYS A 59 0.01 3.22 6.59
C LYS A 59 1.26 3.99 6.19
N PRO A 60 1.52 5.13 6.81
CA PRO A 60 2.73 5.87 6.54
C PRO A 60 3.90 5.20 7.23
N VAL A 61 5.06 5.26 6.63
CA VAL A 61 6.21 4.62 7.18
C VAL A 61 6.78 5.40 8.34
N GLU A 62 7.14 4.71 9.37
CA GLU A 62 7.78 5.30 10.48
C GLU A 62 9.26 5.09 10.31
N GLU A 63 10.00 6.08 10.57
CA GLU A 63 11.40 6.04 10.35
C GLU A 63 12.15 5.94 11.65
N GLY A 64 12.51 4.74 11.97
CA GLY A 64 13.22 4.46 13.16
C GLY A 64 13.34 2.99 13.28
N ALA A 1 -13.39 -1.67 -0.51
CA ALA A 1 -13.79 -2.22 0.79
C ALA A 1 -14.82 -1.30 1.43
N SER A 2 -15.13 -1.53 2.70
CA SER A 2 -16.13 -0.74 3.39
C SER A 2 -15.58 0.65 3.72
N THR A 3 -14.42 0.68 4.32
CA THR A 3 -13.81 1.90 4.77
C THR A 3 -13.37 2.75 3.57
N GLN A 4 -13.77 4.01 3.57
CA GLN A 4 -13.40 4.92 2.52
C GLN A 4 -12.03 5.47 2.85
N PRO A 5 -11.08 5.38 1.92
CA PRO A 5 -9.72 5.83 2.17
C PRO A 5 -9.61 7.33 2.27
N THR A 6 -8.91 7.78 3.26
CA THR A 6 -8.67 9.19 3.41
C THR A 6 -7.20 9.47 3.08
N HIS A 7 -6.46 8.40 2.88
CA HIS A 7 -5.05 8.49 2.58
C HIS A 7 -4.85 8.71 1.11
N SER A 8 -4.09 9.73 0.79
CA SER A 8 -3.76 10.04 -0.56
C SER A 8 -2.32 9.56 -0.83
N TRP A 9 -2.20 8.59 -1.70
CA TRP A 9 -0.92 7.96 -1.97
C TRP A 9 -0.47 8.17 -3.39
N LYS A 10 0.83 8.16 -3.62
CA LYS A 10 1.36 8.30 -4.95
C LYS A 10 2.39 7.22 -5.27
N VAL A 11 2.59 7.01 -6.55
CA VAL A 11 3.55 6.05 -7.07
C VAL A 11 4.98 6.45 -6.68
N GLY A 12 5.76 5.48 -6.27
CA GLY A 12 7.14 5.73 -5.92
C GLY A 12 7.31 6.10 -4.47
N ASP A 13 6.26 5.94 -3.72
CA ASP A 13 6.29 6.24 -2.33
C ASP A 13 6.29 5.03 -1.47
N LYS A 14 6.84 5.20 -0.30
CA LYS A 14 6.91 4.16 0.65
C LYS A 14 5.71 4.24 1.53
N CYS A 15 5.19 3.13 1.81
CA CYS A 15 4.07 2.98 2.66
C CYS A 15 4.23 1.71 3.43
N MET A 16 3.32 1.43 4.28
CA MET A 16 3.30 0.19 4.96
C MET A 16 2.03 -0.47 4.61
N ALA A 17 2.10 -1.68 4.21
CA ALA A 17 0.96 -2.40 3.77
C ALA A 17 0.74 -3.57 4.64
N VAL A 18 -0.47 -3.97 4.77
CA VAL A 18 -0.80 -5.14 5.54
C VAL A 18 -0.70 -6.32 4.61
N TRP A 19 0.26 -7.18 4.89
CA TRP A 19 0.52 -8.34 4.08
C TRP A 19 -0.65 -9.26 4.17
N SER A 20 -1.29 -9.47 3.05
CA SER A 20 -2.48 -10.27 2.94
C SER A 20 -2.23 -11.75 3.34
N GLU A 21 -0.97 -12.13 3.40
CA GLU A 21 -0.61 -13.47 3.80
C GLU A 21 -0.56 -13.61 5.33
N ASP A 22 -0.01 -12.62 6.00
CA ASP A 22 0.22 -12.75 7.45
C ASP A 22 -0.74 -11.89 8.28
N GLY A 23 -1.30 -10.88 7.66
CA GLY A 23 -2.21 -9.99 8.35
C GLY A 23 -1.49 -8.91 9.15
N GLN A 24 -0.21 -8.74 8.92
CA GLN A 24 0.56 -7.70 9.62
C GLN A 24 1.05 -6.65 8.65
N CYS A 25 1.53 -5.54 9.15
CA CYS A 25 1.97 -4.46 8.28
C CYS A 25 3.47 -4.46 8.11
N TYR A 26 3.88 -4.29 6.87
CA TYR A 26 5.27 -4.32 6.46
C TYR A 26 5.52 -3.17 5.49
N GLU A 27 6.74 -2.77 5.37
CA GLU A 27 7.13 -1.65 4.53
C GLU A 27 7.09 -2.05 3.05
N ALA A 28 6.43 -1.25 2.27
CA ALA A 28 6.22 -1.52 0.86
C ALA A 28 6.26 -0.24 0.06
N GLU A 29 6.57 -0.35 -1.20
CA GLU A 29 6.56 0.81 -2.04
C GLU A 29 5.45 0.69 -3.07
N ILE A 30 4.76 1.76 -3.30
CA ILE A 30 3.67 1.82 -4.25
C ILE A 30 4.17 1.86 -5.68
N GLU A 31 3.76 0.89 -6.43
CA GLU A 31 4.17 0.72 -7.81
C GLU A 31 3.10 1.28 -8.75
N GLU A 32 1.86 1.11 -8.36
CA GLU A 32 0.71 1.54 -9.16
C GLU A 32 -0.47 1.73 -8.23
N ILE A 33 -1.34 2.64 -8.58
CA ILE A 33 -2.50 2.92 -7.76
C ILE A 33 -3.74 2.75 -8.59
N ASP A 34 -4.63 1.94 -8.11
CA ASP A 34 -5.90 1.77 -8.75
C ASP A 34 -6.87 2.65 -8.01
N GLU A 35 -7.00 3.85 -8.49
CA GLU A 35 -7.86 4.85 -7.88
C GLU A 35 -9.32 4.48 -7.98
N GLU A 36 -9.63 3.59 -8.90
CA GLU A 36 -10.97 3.16 -9.17
C GLU A 36 -11.53 2.39 -7.98
N ASN A 37 -10.72 1.52 -7.41
CA ASN A 37 -11.11 0.75 -6.24
C ASN A 37 -10.55 1.37 -4.99
N GLY A 38 -9.63 2.28 -5.17
CA GLY A 38 -8.97 2.87 -4.04
C GLY A 38 -7.94 1.91 -3.49
N THR A 39 -7.36 1.14 -4.37
CA THR A 39 -6.36 0.18 -4.02
C THR A 39 -5.03 0.57 -4.62
N ALA A 40 -3.98 0.01 -4.13
CA ALA A 40 -2.67 0.26 -4.66
C ALA A 40 -1.89 -1.02 -4.74
N ALA A 41 -1.11 -1.12 -5.76
CA ALA A 41 -0.24 -2.23 -5.97
C ALA A 41 1.08 -1.87 -5.38
N ILE A 42 1.50 -2.62 -4.44
CA ILE A 42 2.67 -2.32 -3.69
C ILE A 42 3.65 -3.47 -3.72
N THR A 43 4.91 -3.15 -3.65
CA THR A 43 5.94 -4.15 -3.60
C THR A 43 6.61 -4.08 -2.24
N PHE A 44 6.61 -5.18 -1.55
CA PHE A 44 7.18 -5.28 -0.23
C PHE A 44 8.67 -5.14 -0.27
N ALA A 45 9.16 -4.15 0.46
CA ALA A 45 10.55 -3.80 0.47
C ALA A 45 11.38 -4.92 1.05
N GLY A 46 12.36 -5.33 0.30
CA GLY A 46 13.27 -6.35 0.75
C GLY A 46 12.83 -7.73 0.34
N TYR A 47 11.58 -8.07 0.61
CA TYR A 47 11.06 -9.37 0.28
C TYR A 47 10.83 -9.50 -1.23
N GLY A 48 10.16 -8.53 -1.81
CA GLY A 48 9.95 -8.55 -3.24
C GLY A 48 8.61 -9.08 -3.70
N ASN A 49 7.60 -9.09 -2.83
CA ASN A 49 6.27 -9.51 -3.28
C ASN A 49 5.48 -8.31 -3.62
N ALA A 50 4.40 -8.49 -4.30
CA ALA A 50 3.56 -7.40 -4.68
C ALA A 50 2.12 -7.79 -4.54
N GLU A 51 1.35 -6.93 -3.95
CA GLU A 51 -0.06 -7.19 -3.80
C GLU A 51 -0.82 -5.92 -4.02
N VAL A 52 -2.08 -6.06 -4.32
CA VAL A 52 -2.94 -4.92 -4.48
C VAL A 52 -3.76 -4.80 -3.22
N THR A 53 -3.48 -3.79 -2.48
CA THR A 53 -4.07 -3.58 -1.17
C THR A 53 -4.71 -2.19 -1.13
N PRO A 54 -5.88 -2.05 -0.48
CA PRO A 54 -6.58 -0.77 -0.39
C PRO A 54 -5.73 0.30 0.30
N LEU A 55 -5.91 1.54 -0.12
CA LEU A 55 -5.21 2.71 0.44
C LEU A 55 -5.45 2.83 1.94
N LEU A 56 -6.58 2.29 2.39
CA LEU A 56 -6.95 2.29 3.80
C LEU A 56 -5.96 1.41 4.60
N ASN A 57 -5.40 0.43 3.93
CA ASN A 57 -4.46 -0.52 4.55
C ASN A 57 -3.04 -0.04 4.43
N LEU A 58 -2.86 1.07 3.75
CA LEU A 58 -1.56 1.63 3.63
C LEU A 58 -1.35 2.64 4.72
N LYS A 59 -0.25 2.52 5.38
CA LYS A 59 0.11 3.44 6.43
C LYS A 59 1.34 4.17 6.02
N PRO A 60 1.61 5.34 6.59
CA PRO A 60 2.88 6.01 6.39
C PRO A 60 3.97 5.19 7.08
N VAL A 61 5.16 5.25 6.56
CA VAL A 61 6.25 4.47 7.11
C VAL A 61 6.66 4.95 8.50
N GLU A 62 6.54 4.07 9.45
CA GLU A 62 6.87 4.40 10.82
C GLU A 62 8.27 3.92 11.14
N GLU A 63 9.05 3.78 10.10
CA GLU A 63 10.43 3.27 10.12
C GLU A 63 10.48 1.81 10.55
N GLY A 64 9.40 1.12 10.34
CA GLY A 64 9.34 -0.24 10.69
C GLY A 64 9.58 -1.08 9.47
N ALA A 1 -12.79 -0.76 -0.27
CA ALA A 1 -13.45 0.38 0.37
C ALA A 1 -14.04 1.27 -0.68
N SER A 2 -15.14 1.91 -0.38
CA SER A 2 -15.82 2.76 -1.32
C SER A 2 -15.82 4.23 -0.85
N THR A 3 -15.11 4.51 0.21
CA THR A 3 -15.06 5.84 0.75
C THR A 3 -13.82 6.59 0.29
N GLN A 4 -13.83 7.89 0.50
CA GLN A 4 -12.72 8.74 0.15
C GLN A 4 -11.60 8.52 1.17
N PRO A 5 -10.39 8.21 0.71
CA PRO A 5 -9.25 7.96 1.59
C PRO A 5 -8.74 9.25 2.26
N THR A 6 -8.13 9.11 3.42
CA THR A 6 -7.53 10.24 4.09
C THR A 6 -6.03 10.21 3.82
N HIS A 7 -5.57 9.08 3.32
CA HIS A 7 -4.18 8.90 2.99
C HIS A 7 -3.98 9.14 1.51
N SER A 8 -3.14 10.09 1.19
CA SER A 8 -2.86 10.41 -0.18
C SER A 8 -1.58 9.70 -0.58
N TRP A 9 -1.67 8.81 -1.54
CA TRP A 9 -0.54 8.02 -1.96
C TRP A 9 -0.20 8.28 -3.40
N LYS A 10 1.07 8.25 -3.73
CA LYS A 10 1.50 8.35 -5.09
C LYS A 10 2.45 7.22 -5.42
N VAL A 11 2.67 7.00 -6.69
CA VAL A 11 3.59 6.00 -7.17
C VAL A 11 5.00 6.35 -6.68
N GLY A 12 5.70 5.35 -6.18
CA GLY A 12 7.04 5.57 -5.69
C GLY A 12 7.07 6.04 -4.25
N ASP A 13 5.98 5.83 -3.55
CA ASP A 13 5.90 6.17 -2.14
C ASP A 13 6.15 4.98 -1.28
N LYS A 14 6.64 5.25 -0.11
CA LYS A 14 6.84 4.23 0.87
C LYS A 14 5.63 4.22 1.76
N CYS A 15 5.14 3.09 1.96
CA CYS A 15 4.00 2.92 2.78
C CYS A 15 4.15 1.64 3.53
N MET A 16 3.23 1.39 4.38
CA MET A 16 3.20 0.14 5.05
C MET A 16 1.95 -0.52 4.66
N ALA A 17 2.04 -1.72 4.23
CA ALA A 17 0.91 -2.44 3.75
C ALA A 17 0.69 -3.64 4.62
N VAL A 18 -0.51 -4.06 4.74
CA VAL A 18 -0.83 -5.22 5.50
C VAL A 18 -0.69 -6.42 4.59
N TRP A 19 0.28 -7.26 4.88
CA TRP A 19 0.57 -8.41 4.10
C TRP A 19 -0.59 -9.36 4.23
N SER A 20 -1.21 -9.64 3.13
CA SER A 20 -2.38 -10.49 3.04
C SER A 20 -2.11 -11.89 3.64
N GLU A 21 -0.85 -12.28 3.66
CA GLU A 21 -0.48 -13.60 4.10
C GLU A 21 -0.33 -13.68 5.62
N ASP A 22 0.24 -12.65 6.24
CA ASP A 22 0.50 -12.71 7.70
C ASP A 22 -0.48 -11.86 8.48
N GLY A 23 -1.11 -10.92 7.80
CA GLY A 23 -2.06 -10.04 8.45
C GLY A 23 -1.40 -8.88 9.19
N GLN A 24 -0.12 -8.69 8.96
CA GLN A 24 0.63 -7.61 9.61
C GLN A 24 1.11 -6.61 8.60
N CYS A 25 1.57 -5.47 9.06
CA CYS A 25 1.99 -4.42 8.16
C CYS A 25 3.50 -4.36 8.00
N TYR A 26 3.92 -4.24 6.77
CA TYR A 26 5.31 -4.25 6.38
C TYR A 26 5.57 -3.09 5.43
N GLU A 27 6.81 -2.68 5.32
CA GLU A 27 7.20 -1.56 4.47
C GLU A 27 7.14 -1.99 3.01
N ALA A 28 6.43 -1.23 2.24
CA ALA A 28 6.20 -1.53 0.86
C ALA A 28 6.18 -0.26 0.05
N GLU A 29 6.59 -0.36 -1.18
CA GLU A 29 6.61 0.77 -2.04
C GLU A 29 5.51 0.62 -3.07
N ILE A 30 4.81 1.69 -3.31
CA ILE A 30 3.70 1.72 -4.24
C ILE A 30 4.18 1.76 -5.68
N GLU A 31 3.73 0.79 -6.43
CA GLU A 31 4.09 0.64 -7.83
C GLU A 31 3.02 1.28 -8.72
N GLU A 32 1.77 1.16 -8.30
CA GLU A 32 0.64 1.67 -9.07
C GLU A 32 -0.55 1.89 -8.15
N ILE A 33 -1.40 2.84 -8.49
CA ILE A 33 -2.58 3.16 -7.73
C ILE A 33 -3.80 3.09 -8.62
N ASP A 34 -4.75 2.32 -8.20
CA ASP A 34 -5.99 2.15 -8.89
C ASP A 34 -7.02 2.95 -8.16
N GLU A 35 -7.17 4.15 -8.59
CA GLU A 35 -8.07 5.11 -7.99
C GLU A 35 -9.53 4.72 -8.16
N GLU A 36 -9.79 3.82 -9.09
CA GLU A 36 -11.14 3.34 -9.35
C GLU A 36 -11.64 2.56 -8.16
N ASN A 37 -10.78 1.73 -7.63
CA ASN A 37 -11.13 0.90 -6.48
C ASN A 37 -10.56 1.47 -5.22
N GLY A 38 -9.65 2.38 -5.37
CA GLY A 38 -8.96 2.94 -4.24
C GLY A 38 -7.94 1.96 -3.71
N THR A 39 -7.37 1.17 -4.60
CA THR A 39 -6.40 0.20 -4.20
C THR A 39 -5.04 0.53 -4.77
N ALA A 40 -4.03 0.03 -4.16
CA ALA A 40 -2.71 0.26 -4.63
C ALA A 40 -1.97 -1.04 -4.76
N ALA A 41 -1.19 -1.12 -5.78
CA ALA A 41 -0.36 -2.25 -6.01
C ALA A 41 0.98 -1.90 -5.43
N ILE A 42 1.39 -2.66 -4.49
CA ILE A 42 2.56 -2.34 -3.73
C ILE A 42 3.54 -3.49 -3.77
N THR A 43 4.80 -3.18 -3.61
CA THR A 43 5.83 -4.16 -3.56
C THR A 43 6.55 -4.07 -2.23
N PHE A 44 6.58 -5.18 -1.52
CA PHE A 44 7.20 -5.26 -0.23
C PHE A 44 8.70 -5.17 -0.34
N ALA A 45 9.25 -4.21 0.34
CA ALA A 45 10.65 -3.91 0.28
C ALA A 45 11.46 -5.01 0.92
N GLY A 46 12.51 -5.43 0.26
CA GLY A 46 13.40 -6.43 0.80
C GLY A 46 12.99 -7.83 0.41
N TYR A 47 11.73 -8.14 0.63
CA TYR A 47 11.24 -9.46 0.32
C TYR A 47 11.02 -9.60 -1.19
N GLY A 48 10.35 -8.64 -1.79
CA GLY A 48 10.11 -8.68 -3.21
C GLY A 48 8.80 -9.34 -3.59
N ASN A 49 7.72 -8.99 -2.92
CA ASN A 49 6.38 -9.44 -3.33
C ASN A 49 5.54 -8.27 -3.67
N ALA A 50 4.43 -8.51 -4.30
CA ALA A 50 3.56 -7.46 -4.73
C ALA A 50 2.12 -7.86 -4.53
N GLU A 51 1.34 -6.98 -3.96
CA GLU A 51 -0.06 -7.26 -3.77
C GLU A 51 -0.88 -6.01 -3.98
N VAL A 52 -2.14 -6.21 -4.23
CA VAL A 52 -3.07 -5.13 -4.39
C VAL A 52 -3.81 -4.96 -3.08
N THR A 53 -3.56 -3.88 -2.43
CA THR A 53 -4.13 -3.63 -1.15
C THR A 53 -4.78 -2.23 -1.14
N PRO A 54 -5.94 -2.07 -0.51
CA PRO A 54 -6.64 -0.79 -0.45
C PRO A 54 -5.79 0.29 0.24
N LEU A 55 -5.99 1.54 -0.17
CA LEU A 55 -5.27 2.70 0.40
C LEU A 55 -5.48 2.79 1.91
N LEU A 56 -6.61 2.27 2.36
CA LEU A 56 -6.96 2.24 3.79
C LEU A 56 -5.95 1.39 4.57
N ASN A 57 -5.41 0.39 3.90
CA ASN A 57 -4.48 -0.56 4.50
C ASN A 57 -3.08 -0.04 4.43
N LEU A 58 -2.91 1.07 3.76
CA LEU A 58 -1.62 1.64 3.65
C LEU A 58 -1.44 2.66 4.74
N LYS A 59 -0.35 2.54 5.42
CA LYS A 59 -0.01 3.44 6.45
C LYS A 59 1.23 4.17 6.05
N PRO A 60 1.42 5.37 6.55
CA PRO A 60 2.68 6.07 6.40
C PRO A 60 3.75 5.25 7.09
N VAL A 61 4.96 5.32 6.60
CA VAL A 61 6.03 4.59 7.24
C VAL A 61 6.30 5.17 8.61
N GLU A 62 6.16 4.34 9.60
CA GLU A 62 6.29 4.78 10.94
C GLU A 62 7.64 4.44 11.49
N GLU A 63 8.27 5.42 12.01
CA GLU A 63 9.58 5.26 12.59
C GLU A 63 9.43 5.05 14.08
N GLY A 64 8.31 5.47 14.58
CA GLY A 64 8.01 5.33 15.95
C GLY A 64 6.75 6.10 16.28
N ALA A 1 -14.42 1.78 -4.14
CA ALA A 1 -15.58 1.93 -3.25
C ALA A 1 -16.27 3.23 -3.57
N SER A 2 -17.35 3.51 -2.86
CA SER A 2 -18.04 4.77 -3.01
C SER A 2 -17.25 5.80 -2.23
N THR A 3 -16.96 5.45 -1.00
CA THR A 3 -16.19 6.26 -0.14
C THR A 3 -14.74 5.82 -0.29
N GLN A 4 -13.96 6.64 -0.93
CA GLN A 4 -12.57 6.35 -1.13
C GLN A 4 -11.80 6.91 0.07
N PRO A 5 -10.71 6.24 0.49
CA PRO A 5 -9.90 6.68 1.63
C PRO A 5 -9.29 8.07 1.41
N THR A 6 -9.14 8.84 2.48
CA THR A 6 -8.58 10.17 2.39
C THR A 6 -7.06 10.08 2.23
N HIS A 7 -6.50 8.89 2.48
CA HIS A 7 -5.09 8.65 2.26
C HIS A 7 -4.75 8.92 0.81
N SER A 8 -3.86 9.85 0.59
CA SER A 8 -3.45 10.20 -0.73
C SER A 8 -2.06 9.61 -0.98
N TRP A 9 -1.97 8.71 -1.91
CA TRP A 9 -0.75 8.02 -2.20
C TRP A 9 -0.37 8.20 -3.64
N LYS A 10 0.91 8.18 -3.92
CA LYS A 10 1.37 8.21 -5.28
C LYS A 10 2.37 7.09 -5.51
N VAL A 11 2.62 6.81 -6.77
CA VAL A 11 3.58 5.80 -7.17
C VAL A 11 4.97 6.23 -6.70
N GLY A 12 5.65 5.36 -6.01
CA GLY A 12 6.96 5.67 -5.53
C GLY A 12 6.98 5.97 -4.04
N ASP A 13 5.80 6.06 -3.46
CA ASP A 13 5.70 6.30 -2.02
C ASP A 13 5.95 5.05 -1.25
N LYS A 14 6.55 5.22 -0.12
CA LYS A 14 6.77 4.16 0.80
C LYS A 14 5.61 4.14 1.75
N CYS A 15 5.06 3.01 1.94
CA CYS A 15 3.94 2.86 2.79
C CYS A 15 4.10 1.59 3.55
N MET A 16 3.21 1.33 4.43
CA MET A 16 3.21 0.10 5.12
C MET A 16 1.95 -0.58 4.74
N ALA A 17 2.07 -1.78 4.34
CA ALA A 17 0.95 -2.52 3.88
C ALA A 17 0.78 -3.72 4.75
N VAL A 18 -0.42 -4.16 4.86
CA VAL A 18 -0.70 -5.35 5.60
C VAL A 18 -0.56 -6.52 4.67
N TRP A 19 0.42 -7.35 4.93
CA TRP A 19 0.68 -8.50 4.12
C TRP A 19 -0.47 -9.44 4.25
N SER A 20 -1.12 -9.69 3.14
CA SER A 20 -2.31 -10.54 3.07
C SER A 20 -2.03 -11.95 3.64
N GLU A 21 -0.77 -12.34 3.63
CA GLU A 21 -0.42 -13.66 4.05
C GLU A 21 -0.30 -13.78 5.56
N ASP A 22 0.31 -12.80 6.21
CA ASP A 22 0.55 -12.94 7.65
C ASP A 22 -0.40 -12.08 8.47
N GLY A 23 -0.97 -11.08 7.82
CA GLY A 23 -1.88 -10.17 8.49
C GLY A 23 -1.16 -9.08 9.27
N GLN A 24 0.12 -8.89 8.98
CA GLN A 24 0.92 -7.86 9.66
C GLN A 24 1.36 -6.78 8.69
N CYS A 25 1.83 -5.68 9.22
CA CYS A 25 2.22 -4.56 8.38
C CYS A 25 3.71 -4.54 8.11
N TYR A 26 4.07 -4.32 6.87
CA TYR A 26 5.45 -4.31 6.42
C TYR A 26 5.65 -3.14 5.46
N GLU A 27 6.90 -2.72 5.30
CA GLU A 27 7.21 -1.60 4.42
C GLU A 27 7.07 -2.04 2.98
N ALA A 28 6.33 -1.30 2.24
CA ALA A 28 6.09 -1.59 0.86
C ALA A 28 6.09 -0.31 0.06
N GLU A 29 6.57 -0.38 -1.14
CA GLU A 29 6.58 0.77 -1.99
C GLU A 29 5.51 0.62 -3.04
N ILE A 30 4.78 1.68 -3.26
CA ILE A 30 3.68 1.70 -4.21
C ILE A 30 4.16 1.71 -5.65
N GLU A 31 3.75 0.72 -6.39
CA GLU A 31 4.10 0.54 -7.78
C GLU A 31 3.03 1.10 -8.70
N GLU A 32 1.79 0.90 -8.36
CA GLU A 32 0.67 1.31 -9.20
C GLU A 32 -0.53 1.60 -8.33
N ILE A 33 -1.35 2.54 -8.74
CA ILE A 33 -2.53 2.91 -7.98
C ILE A 33 -3.77 2.83 -8.84
N ASP A 34 -4.76 2.19 -8.32
CA ASP A 34 -6.04 2.11 -8.94
C ASP A 34 -6.95 3.04 -8.20
N GLU A 35 -7.06 4.23 -8.70
CA GLU A 35 -7.88 5.25 -8.06
C GLU A 35 -9.37 4.90 -8.09
N GLU A 36 -9.72 3.99 -8.99
CA GLU A 36 -11.09 3.60 -9.19
C GLU A 36 -11.63 2.88 -7.97
N ASN A 37 -10.84 2.00 -7.43
CA ASN A 37 -11.23 1.25 -6.26
C ASN A 37 -10.58 1.81 -5.04
N GLY A 38 -9.61 2.66 -5.26
CA GLY A 38 -8.84 3.19 -4.17
C GLY A 38 -7.87 2.15 -3.68
N THR A 39 -7.34 1.39 -4.59
CA THR A 39 -6.41 0.35 -4.28
C THR A 39 -5.04 0.65 -4.86
N ALA A 40 -4.02 0.06 -4.30
CA ALA A 40 -2.69 0.26 -4.77
C ALA A 40 -1.93 -1.04 -4.79
N ALA A 41 -1.13 -1.19 -5.80
CA ALA A 41 -0.28 -2.31 -5.94
C ALA A 41 1.04 -1.94 -5.33
N ILE A 42 1.44 -2.70 -4.38
CA ILE A 42 2.60 -2.38 -3.60
C ILE A 42 3.57 -3.52 -3.63
N THR A 43 4.82 -3.22 -3.55
CA THR A 43 5.84 -4.20 -3.47
C THR A 43 6.52 -4.13 -2.13
N PHE A 44 6.55 -5.25 -1.43
CA PHE A 44 7.16 -5.33 -0.13
C PHE A 44 8.65 -5.21 -0.24
N ALA A 45 9.15 -4.17 0.39
CA ALA A 45 10.54 -3.84 0.33
C ALA A 45 11.37 -4.90 1.00
N GLY A 46 12.43 -5.28 0.36
CA GLY A 46 13.29 -6.29 0.88
C GLY A 46 12.93 -7.65 0.34
N TYR A 47 11.71 -8.07 0.61
CA TYR A 47 11.24 -9.38 0.21
C TYR A 47 10.98 -9.43 -1.30
N GLY A 48 10.23 -8.47 -1.80
CA GLY A 48 9.97 -8.40 -3.22
C GLY A 48 8.59 -8.89 -3.66
N ASN A 49 7.64 -9.04 -2.75
CA ASN A 49 6.29 -9.49 -3.20
C ASN A 49 5.46 -8.30 -3.54
N ALA A 50 4.40 -8.53 -4.24
CA ALA A 50 3.55 -7.46 -4.66
C ALA A 50 2.11 -7.85 -4.48
N GLU A 51 1.32 -6.97 -3.91
CA GLU A 51 -0.08 -7.23 -3.75
C GLU A 51 -0.85 -5.97 -3.99
N VAL A 52 -2.11 -6.10 -4.28
CA VAL A 52 -2.98 -4.97 -4.45
C VAL A 52 -3.78 -4.81 -3.18
N THR A 53 -3.52 -3.78 -2.47
CA THR A 53 -4.15 -3.55 -1.21
C THR A 53 -4.76 -2.14 -1.21
N PRO A 54 -5.95 -1.96 -0.64
CA PRO A 54 -6.62 -0.65 -0.63
C PRO A 54 -5.80 0.41 0.11
N LEU A 55 -5.93 1.66 -0.34
CA LEU A 55 -5.23 2.82 0.25
C LEU A 55 -5.51 2.95 1.73
N LEU A 56 -6.66 2.44 2.13
CA LEU A 56 -7.07 2.46 3.53
C LEU A 56 -6.14 1.60 4.38
N ASN A 57 -5.61 0.56 3.77
CA ASN A 57 -4.73 -0.38 4.44
C ASN A 57 -3.31 0.13 4.49
N LEU A 58 -3.03 1.12 3.67
CA LEU A 58 -1.71 1.67 3.59
C LEU A 58 -1.48 2.67 4.68
N LYS A 59 -0.38 2.53 5.36
CA LYS A 59 0.01 3.42 6.41
C LYS A 59 1.28 4.14 6.02
N PRO A 60 1.54 5.31 6.59
CA PRO A 60 2.78 6.05 6.31
C PRO A 60 3.96 5.40 7.00
N VAL A 61 5.12 5.50 6.41
CA VAL A 61 6.29 4.95 7.02
C VAL A 61 6.91 6.00 7.92
N GLU A 62 7.64 5.58 8.90
CA GLU A 62 8.34 6.54 9.72
C GLU A 62 9.65 6.86 9.04
N GLU A 63 10.05 8.09 9.15
CA GLU A 63 11.27 8.53 8.53
C GLU A 63 12.47 8.16 9.38
N GLY A 64 12.92 6.96 9.17
CA GLY A 64 14.06 6.45 9.85
C GLY A 64 14.52 5.24 9.14
N ALA A 1 -12.89 6.73 -9.89
CA ALA A 1 -12.79 6.70 -8.43
C ALA A 1 -14.17 6.78 -7.80
N SER A 2 -14.85 7.91 -8.05
CA SER A 2 -16.22 8.17 -7.58
C SER A 2 -16.30 8.38 -6.06
N THR A 3 -15.16 8.61 -5.44
CA THR A 3 -15.08 8.82 -4.02
C THR A 3 -13.67 9.32 -3.73
N GLN A 4 -13.43 9.72 -2.50
CA GLN A 4 -12.15 10.23 -2.10
C GLN A 4 -11.29 9.10 -1.53
N PRO A 5 -10.00 9.05 -1.87
CA PRO A 5 -9.08 8.07 -1.28
C PRO A 5 -9.01 8.25 0.22
N THR A 6 -8.73 7.18 0.92
CA THR A 6 -8.72 7.21 2.35
C THR A 6 -7.46 7.96 2.82
N HIS A 7 -6.41 7.83 2.08
CA HIS A 7 -5.16 8.50 2.34
C HIS A 7 -4.59 8.90 1.02
N SER A 8 -3.81 9.94 1.00
CA SER A 8 -3.22 10.39 -0.23
C SER A 8 -1.90 9.67 -0.49
N TRP A 9 -1.89 8.82 -1.49
CA TRP A 9 -0.70 8.08 -1.85
C TRP A 9 -0.34 8.30 -3.31
N LYS A 10 0.94 8.22 -3.63
CA LYS A 10 1.39 8.30 -5.00
C LYS A 10 2.38 7.17 -5.30
N VAL A 11 2.59 6.95 -6.58
CA VAL A 11 3.51 5.94 -7.08
C VAL A 11 4.96 6.25 -6.68
N GLY A 12 5.69 5.22 -6.26
CA GLY A 12 7.09 5.39 -5.91
C GLY A 12 7.29 5.71 -4.45
N ASP A 13 6.22 5.70 -3.73
CA ASP A 13 6.25 6.03 -2.32
C ASP A 13 6.22 4.81 -1.45
N LYS A 14 6.76 4.95 -0.28
CA LYS A 14 6.78 3.90 0.68
C LYS A 14 5.57 4.01 1.58
N CYS A 15 5.04 2.91 1.91
CA CYS A 15 3.92 2.83 2.78
C CYS A 15 4.03 1.54 3.53
N MET A 16 3.15 1.31 4.43
CA MET A 16 3.13 0.07 5.09
C MET A 16 1.88 -0.60 4.70
N ALA A 17 1.99 -1.78 4.29
CA ALA A 17 0.87 -2.51 3.81
C ALA A 17 0.68 -3.70 4.67
N VAL A 18 -0.53 -4.12 4.78
CA VAL A 18 -0.82 -5.29 5.53
C VAL A 18 -0.66 -6.46 4.60
N TRP A 19 0.33 -7.27 4.87
CA TRP A 19 0.63 -8.42 4.06
C TRP A 19 -0.49 -9.37 4.19
N SER A 20 -1.16 -9.60 3.11
CA SER A 20 -2.35 -10.43 3.04
C SER A 20 -2.05 -11.89 3.50
N GLU A 21 -0.78 -12.25 3.50
CA GLU A 21 -0.40 -13.57 3.89
C GLU A 21 -0.24 -13.71 5.41
N ASP A 22 0.35 -12.73 6.06
CA ASP A 22 0.67 -12.84 7.51
C ASP A 22 -0.28 -11.99 8.35
N GLY A 23 -0.93 -11.04 7.71
CA GLY A 23 -1.88 -10.17 8.40
C GLY A 23 -1.24 -9.02 9.15
N GLN A 24 0.04 -8.80 8.93
CA GLN A 24 0.77 -7.74 9.60
C GLN A 24 1.21 -6.68 8.62
N CYS A 25 1.65 -5.56 9.13
CA CYS A 25 2.07 -4.45 8.31
C CYS A 25 3.57 -4.49 8.07
N TYR A 26 3.96 -4.28 6.84
CA TYR A 26 5.35 -4.31 6.42
C TYR A 26 5.58 -3.17 5.45
N GLU A 27 6.82 -2.73 5.31
CA GLU A 27 7.15 -1.61 4.43
C GLU A 27 7.07 -2.05 2.97
N ALA A 28 6.28 -1.35 2.23
CA ALA A 28 6.08 -1.64 0.83
C ALA A 28 6.08 -0.38 0.02
N GLU A 29 6.55 -0.45 -1.18
CA GLU A 29 6.60 0.67 -2.05
C GLU A 29 5.49 0.56 -3.08
N ILE A 30 4.78 1.62 -3.27
CA ILE A 30 3.67 1.68 -4.19
C ILE A 30 4.16 1.68 -5.64
N GLU A 31 3.70 0.71 -6.38
CA GLU A 31 4.05 0.54 -7.76
C GLU A 31 3.07 1.25 -8.65
N GLU A 32 1.81 1.16 -8.31
CA GLU A 32 0.75 1.66 -9.12
C GLU A 32 -0.48 1.83 -8.23
N ILE A 33 -1.34 2.74 -8.59
CA ILE A 33 -2.54 3.01 -7.83
C ILE A 33 -3.76 2.83 -8.73
N ASP A 34 -4.72 2.11 -8.24
CA ASP A 34 -5.99 1.95 -8.89
C ASP A 34 -6.97 2.82 -8.17
N GLU A 35 -7.12 4.03 -8.63
CA GLU A 35 -7.98 5.01 -8.00
C GLU A 35 -9.45 4.62 -8.08
N GLU A 36 -9.77 3.78 -9.04
CA GLU A 36 -11.13 3.36 -9.29
C GLU A 36 -11.68 2.59 -8.08
N ASN A 37 -10.86 1.73 -7.52
CA ASN A 37 -11.23 0.97 -6.33
C ASN A 37 -10.62 1.59 -5.10
N GLY A 38 -9.67 2.47 -5.31
CA GLY A 38 -8.95 3.06 -4.21
C GLY A 38 -7.91 2.10 -3.68
N THR A 39 -7.37 1.29 -4.55
CA THR A 39 -6.39 0.33 -4.16
C THR A 39 -5.05 0.64 -4.76
N ALA A 40 -4.02 0.10 -4.21
CA ALA A 40 -2.70 0.33 -4.72
C ALA A 40 -1.95 -0.98 -4.78
N ALA A 41 -1.19 -1.13 -5.82
CA ALA A 41 -0.34 -2.25 -5.98
C ALA A 41 0.97 -1.89 -5.36
N ILE A 42 1.37 -2.67 -4.43
CA ILE A 42 2.53 -2.36 -3.64
C ILE A 42 3.51 -3.51 -3.69
N THR A 43 4.76 -3.21 -3.57
CA THR A 43 5.78 -4.22 -3.52
C THR A 43 6.58 -4.08 -2.23
N PHE A 44 6.61 -5.15 -1.48
CA PHE A 44 7.27 -5.19 -0.19
C PHE A 44 8.77 -5.03 -0.33
N ALA A 45 9.31 -4.13 0.46
CA ALA A 45 10.72 -3.83 0.43
C ALA A 45 11.51 -4.96 1.05
N GLY A 46 12.60 -5.32 0.43
CA GLY A 46 13.43 -6.39 0.93
C GLY A 46 12.98 -7.74 0.42
N TYR A 47 11.74 -8.07 0.70
CA TYR A 47 11.19 -9.35 0.31
C TYR A 47 10.89 -9.38 -1.19
N GLY A 48 10.23 -8.35 -1.68
CA GLY A 48 9.99 -8.25 -3.11
C GLY A 48 8.66 -8.80 -3.61
N ASN A 49 7.65 -8.94 -2.75
CA ASN A 49 6.36 -9.43 -3.24
C ASN A 49 5.47 -8.28 -3.52
N ALA A 50 4.46 -8.50 -4.30
CA ALA A 50 3.58 -7.45 -4.70
C ALA A 50 2.15 -7.87 -4.52
N GLU A 51 1.36 -7.00 -3.95
CA GLU A 51 -0.03 -7.27 -3.75
C GLU A 51 -0.82 -5.99 -3.95
N VAL A 52 -2.11 -6.13 -4.20
CA VAL A 52 -2.98 -4.99 -4.38
C VAL A 52 -3.80 -4.82 -3.11
N THR A 53 -3.55 -3.76 -2.41
CA THR A 53 -4.19 -3.51 -1.14
C THR A 53 -4.76 -2.08 -1.13
N PRO A 54 -5.96 -1.89 -0.54
CA PRO A 54 -6.61 -0.57 -0.50
C PRO A 54 -5.76 0.49 0.20
N LEU A 55 -5.92 1.74 -0.23
CA LEU A 55 -5.21 2.89 0.34
C LEU A 55 -5.51 3.04 1.83
N LEU A 56 -6.67 2.55 2.23
CA LEU A 56 -7.11 2.55 3.61
C LEU A 56 -6.17 1.69 4.46
N ASN A 57 -5.63 0.66 3.84
CA ASN A 57 -4.76 -0.29 4.51
C ASN A 57 -3.34 0.20 4.55
N LEU A 58 -3.03 1.17 3.73
CA LEU A 58 -1.71 1.68 3.65
C LEU A 58 -1.46 2.67 4.76
N LYS A 59 -0.38 2.46 5.45
CA LYS A 59 0.02 3.32 6.55
C LYS A 59 1.32 4.01 6.20
N PRO A 60 1.66 5.10 6.88
CA PRO A 60 2.92 5.78 6.66
C PRO A 60 4.09 4.97 7.23
N VAL A 61 5.25 5.15 6.67
CA VAL A 61 6.43 4.42 7.11
C VAL A 61 7.21 5.20 8.16
N GLU A 62 8.22 4.55 8.69
CA GLU A 62 9.17 5.19 9.56
C GLU A 62 10.48 5.26 8.81
N GLU A 63 11.17 6.34 8.92
CA GLU A 63 12.37 6.55 8.16
C GLU A 63 13.55 6.92 9.04
N GLY A 64 14.65 6.27 8.81
CA GLY A 64 15.85 6.56 9.54
C GLY A 64 17.03 6.00 8.82
N ALA A 1 -14.20 8.09 -8.07
CA ALA A 1 -14.73 7.21 -7.04
C ALA A 1 -15.73 7.97 -6.24
N SER A 2 -16.55 7.26 -5.46
CA SER A 2 -17.58 7.89 -4.68
C SER A 2 -16.99 8.69 -3.52
N THR A 3 -16.11 8.08 -2.77
CA THR A 3 -15.50 8.73 -1.64
C THR A 3 -14.01 8.99 -1.91
N GLN A 4 -13.49 10.11 -1.44
CA GLN A 4 -12.10 10.41 -1.61
C GLN A 4 -11.33 9.81 -0.45
N PRO A 5 -10.33 8.96 -0.74
CA PRO A 5 -9.48 8.35 0.30
C PRO A 5 -8.81 9.41 1.15
N THR A 6 -8.82 9.20 2.45
CA THR A 6 -8.24 10.12 3.39
C THR A 6 -6.71 10.01 3.40
N HIS A 7 -6.22 8.98 2.73
CA HIS A 7 -4.80 8.76 2.61
C HIS A 7 -4.37 9.13 1.20
N SER A 8 -3.44 10.03 1.09
CA SER A 8 -2.93 10.44 -0.18
C SER A 8 -1.64 9.68 -0.49
N TRP A 9 -1.69 8.87 -1.51
CA TRP A 9 -0.57 8.06 -1.90
C TRP A 9 -0.13 8.36 -3.32
N LYS A 10 1.14 8.15 -3.60
CA LYS A 10 1.67 8.33 -4.93
C LYS A 10 2.58 7.16 -5.30
N VAL A 11 2.82 7.01 -6.57
CA VAL A 11 3.76 6.01 -7.07
C VAL A 11 5.17 6.36 -6.58
N GLY A 12 5.85 5.39 -6.03
CA GLY A 12 7.19 5.62 -5.52
C GLY A 12 7.17 6.12 -4.10
N ASP A 13 6.06 5.91 -3.43
CA ASP A 13 5.95 6.31 -2.03
C ASP A 13 6.15 5.10 -1.19
N LYS A 14 6.57 5.31 -0.01
CA LYS A 14 6.75 4.25 0.90
C LYS A 14 5.54 4.20 1.79
N CYS A 15 4.99 3.06 1.92
CA CYS A 15 3.88 2.86 2.76
C CYS A 15 4.07 1.59 3.52
N MET A 16 3.20 1.33 4.42
CA MET A 16 3.22 0.09 5.08
C MET A 16 1.96 -0.59 4.71
N ALA A 17 2.09 -1.78 4.28
CA ALA A 17 0.98 -2.52 3.81
C ALA A 17 0.79 -3.70 4.69
N VAL A 18 -0.42 -4.12 4.82
CA VAL A 18 -0.70 -5.28 5.60
C VAL A 18 -0.60 -6.46 4.69
N TRP A 19 0.39 -7.30 4.96
CA TRP A 19 0.63 -8.47 4.16
C TRP A 19 -0.53 -9.37 4.35
N SER A 20 -1.27 -9.61 3.31
CA SER A 20 -2.49 -10.39 3.36
C SER A 20 -2.22 -11.84 3.83
N GLU A 21 -0.97 -12.25 3.77
CA GLU A 21 -0.61 -13.59 4.18
C GLU A 21 -0.44 -13.69 5.69
N ASP A 22 0.13 -12.66 6.29
CA ASP A 22 0.48 -12.74 7.71
C ASP A 22 -0.38 -11.82 8.57
N GLY A 23 -1.00 -10.85 7.94
CA GLY A 23 -1.87 -9.92 8.64
C GLY A 23 -1.12 -8.81 9.38
N GLN A 24 0.14 -8.63 9.07
CA GLN A 24 0.95 -7.60 9.73
C GLN A 24 1.37 -6.54 8.74
N CYS A 25 1.89 -5.43 9.24
CA CYS A 25 2.29 -4.35 8.37
C CYS A 25 3.79 -4.38 8.09
N TYR A 26 4.13 -4.20 6.83
CA TYR A 26 5.51 -4.28 6.34
C TYR A 26 5.74 -3.12 5.38
N GLU A 27 7.00 -2.76 5.17
CA GLU A 27 7.32 -1.65 4.28
C GLU A 27 7.11 -2.07 2.85
N ALA A 28 6.31 -1.34 2.15
CA ALA A 28 6.01 -1.62 0.80
C ALA A 28 5.98 -0.35 0.01
N GLU A 29 6.48 -0.39 -1.17
CA GLU A 29 6.48 0.77 -2.00
C GLU A 29 5.39 0.65 -3.03
N ILE A 30 4.70 1.73 -3.23
CA ILE A 30 3.61 1.78 -4.17
C ILE A 30 4.12 1.87 -5.58
N GLU A 31 3.74 0.89 -6.35
CA GLU A 31 4.13 0.79 -7.73
C GLU A 31 3.10 1.46 -8.60
N GLU A 32 1.86 1.33 -8.23
CA GLU A 32 0.78 1.87 -9.02
C GLU A 32 -0.44 2.05 -8.14
N ILE A 33 -1.27 2.98 -8.51
CA ILE A 33 -2.46 3.29 -7.79
C ILE A 33 -3.65 3.11 -8.70
N ASP A 34 -4.64 2.43 -8.19
CA ASP A 34 -5.89 2.19 -8.88
C ASP A 34 -6.96 2.94 -8.14
N GLU A 35 -7.20 4.14 -8.57
CA GLU A 35 -8.16 5.02 -7.92
C GLU A 35 -9.59 4.50 -8.02
N GLU A 36 -9.85 3.75 -9.08
CA GLU A 36 -11.18 3.22 -9.36
C GLU A 36 -11.66 2.31 -8.24
N ASN A 37 -10.78 1.46 -7.77
CA ASN A 37 -11.10 0.57 -6.67
C ASN A 37 -10.62 1.14 -5.37
N GLY A 38 -9.77 2.14 -5.48
CA GLY A 38 -9.18 2.74 -4.31
C GLY A 38 -8.06 1.87 -3.76
N THR A 39 -7.45 1.12 -4.64
CA THR A 39 -6.41 0.24 -4.24
C THR A 39 -5.08 0.64 -4.82
N ALA A 40 -4.03 0.12 -4.26
CA ALA A 40 -2.73 0.38 -4.75
C ALA A 40 -1.97 -0.91 -4.89
N ALA A 41 -1.17 -1.00 -5.88
CA ALA A 41 -0.34 -2.14 -6.09
C ALA A 41 0.99 -1.82 -5.46
N ILE A 42 1.37 -2.62 -4.53
CA ILE A 42 2.53 -2.34 -3.73
C ILE A 42 3.51 -3.50 -3.79
N THR A 43 4.77 -3.19 -3.67
CA THR A 43 5.79 -4.18 -3.63
C THR A 43 6.50 -4.12 -2.28
N PHE A 44 6.57 -5.26 -1.62
CA PHE A 44 7.19 -5.37 -0.32
C PHE A 44 8.68 -5.27 -0.44
N ALA A 45 9.23 -4.28 0.24
CA ALA A 45 10.64 -3.99 0.18
C ALA A 45 11.44 -5.10 0.81
N GLY A 46 12.46 -5.54 0.11
CA GLY A 46 13.32 -6.56 0.62
C GLY A 46 12.89 -7.93 0.19
N TYR A 47 11.67 -8.29 0.53
CA TYR A 47 11.13 -9.59 0.21
C TYR A 47 10.87 -9.70 -1.30
N GLY A 48 10.30 -8.66 -1.87
CA GLY A 48 10.07 -8.67 -3.30
C GLY A 48 8.71 -9.21 -3.74
N ASN A 49 7.71 -9.18 -2.87
CA ASN A 49 6.36 -9.58 -3.30
C ASN A 49 5.56 -8.38 -3.62
N ALA A 50 4.45 -8.58 -4.23
CA ALA A 50 3.58 -7.52 -4.61
C ALA A 50 2.15 -7.93 -4.37
N GLU A 51 1.34 -7.01 -3.96
CA GLU A 51 -0.06 -7.26 -3.79
C GLU A 51 -0.82 -5.97 -4.02
N VAL A 52 -2.08 -6.10 -4.31
CA VAL A 52 -2.93 -4.97 -4.49
C VAL A 52 -3.77 -4.82 -3.24
N THR A 53 -3.54 -3.77 -2.52
CA THR A 53 -4.18 -3.54 -1.26
C THR A 53 -4.79 -2.13 -1.24
N PRO A 54 -5.98 -1.97 -0.64
CA PRO A 54 -6.67 -0.67 -0.58
C PRO A 54 -5.85 0.39 0.13
N LEU A 55 -6.03 1.63 -0.27
CA LEU A 55 -5.33 2.79 0.30
C LEU A 55 -5.63 2.91 1.78
N LEU A 56 -6.79 2.40 2.19
CA LEU A 56 -7.20 2.39 3.60
C LEU A 56 -6.25 1.52 4.43
N ASN A 57 -5.70 0.50 3.78
CA ASN A 57 -4.81 -0.46 4.43
C ASN A 57 -3.39 0.00 4.40
N LEU A 58 -3.14 1.07 3.69
CA LEU A 58 -1.81 1.59 3.61
C LEU A 58 -1.59 2.57 4.73
N LYS A 59 -0.50 2.39 5.40
CA LYS A 59 -0.14 3.25 6.48
C LYS A 59 1.10 4.00 6.14
N PRO A 60 1.31 5.16 6.75
CA PRO A 60 2.55 5.88 6.58
C PRO A 60 3.66 5.12 7.30
N VAL A 61 4.85 5.17 6.77
CA VAL A 61 5.94 4.42 7.34
C VAL A 61 6.37 4.96 8.68
N GLU A 62 6.46 4.08 9.62
CA GLU A 62 6.91 4.40 10.93
C GLU A 62 8.38 4.05 11.03
N GLU A 63 9.12 4.84 11.76
CA GLU A 63 10.53 4.60 11.96
C GLU A 63 10.87 4.74 13.43
N GLY A 64 9.85 4.73 14.24
CA GLY A 64 9.97 4.85 15.65
C GLY A 64 8.63 5.20 16.22
N ALA A 1 -13.85 4.93 -5.73
CA ALA A 1 -13.30 4.12 -4.64
C ALA A 1 -14.40 3.80 -3.67
N SER A 2 -14.28 2.70 -2.97
CA SER A 2 -15.29 2.28 -2.04
C SER A 2 -15.22 3.15 -0.79
N THR A 3 -14.03 3.39 -0.32
CA THR A 3 -13.81 4.28 0.78
C THR A 3 -12.66 5.20 0.44
N GLN A 4 -12.73 6.42 0.86
CA GLN A 4 -11.69 7.35 0.59
C GLN A 4 -10.65 7.27 1.69
N PRO A 5 -9.39 7.04 1.32
CA PRO A 5 -8.29 6.93 2.28
C PRO A 5 -7.99 8.26 2.96
N THR A 6 -7.37 8.19 4.11
CA THR A 6 -6.98 9.36 4.82
C THR A 6 -5.74 9.98 4.13
N HIS A 7 -4.94 9.13 3.50
CA HIS A 7 -3.73 9.56 2.83
C HIS A 7 -3.92 9.60 1.33
N SER A 8 -3.26 10.52 0.69
CA SER A 8 -3.21 10.55 -0.75
C SER A 8 -1.90 9.91 -1.15
N TRP A 9 -1.97 8.71 -1.67
CA TRP A 9 -0.77 7.96 -1.96
C TRP A 9 -0.32 8.19 -3.39
N LYS A 10 0.97 8.09 -3.61
CA LYS A 10 1.52 8.24 -4.93
C LYS A 10 2.45 7.08 -5.24
N VAL A 11 2.66 6.83 -6.50
CA VAL A 11 3.58 5.82 -6.95
C VAL A 11 5.00 6.18 -6.53
N GLY A 12 5.70 5.22 -5.96
CA GLY A 12 7.06 5.44 -5.55
C GLY A 12 7.16 5.93 -4.12
N ASP A 13 6.06 5.88 -3.41
CA ASP A 13 6.07 6.30 -2.01
C ASP A 13 6.28 5.12 -1.15
N LYS A 14 6.57 5.36 0.08
CA LYS A 14 6.76 4.31 0.98
C LYS A 14 5.55 4.24 1.85
N CYS A 15 5.04 3.12 1.96
CA CYS A 15 3.90 2.89 2.77
C CYS A 15 4.07 1.60 3.49
N MET A 16 3.20 1.31 4.35
CA MET A 16 3.18 0.06 4.99
C MET A 16 1.92 -0.60 4.59
N ALA A 17 2.04 -1.80 4.18
CA ALA A 17 0.92 -2.53 3.70
C ALA A 17 0.71 -3.71 4.58
N VAL A 18 -0.50 -4.14 4.66
CA VAL A 18 -0.83 -5.29 5.43
C VAL A 18 -0.64 -6.49 4.54
N TRP A 19 0.32 -7.31 4.89
CA TRP A 19 0.65 -8.47 4.12
C TRP A 19 -0.49 -9.44 4.23
N SER A 20 -1.11 -9.71 3.12
CA SER A 20 -2.28 -10.57 3.01
C SER A 20 -1.99 -12.00 3.54
N GLU A 21 -0.72 -12.32 3.67
CA GLU A 21 -0.31 -13.62 4.15
C GLU A 21 -0.27 -13.67 5.69
N ASP A 22 0.25 -12.62 6.31
CA ASP A 22 0.47 -12.68 7.77
C ASP A 22 -0.51 -11.78 8.53
N GLY A 23 -1.10 -10.84 7.84
CA GLY A 23 -2.04 -9.93 8.48
C GLY A 23 -1.36 -8.77 9.18
N GLN A 24 -0.08 -8.62 8.96
CA GLN A 24 0.68 -7.55 9.61
C GLN A 24 1.17 -6.54 8.60
N CYS A 25 1.59 -5.40 9.09
CA CYS A 25 2.00 -4.33 8.21
C CYS A 25 3.52 -4.30 8.04
N TYR A 26 3.94 -4.15 6.80
CA TYR A 26 5.36 -4.14 6.44
C TYR A 26 5.60 -3.02 5.45
N GLU A 27 6.83 -2.57 5.33
CA GLU A 27 7.18 -1.48 4.44
C GLU A 27 7.12 -1.94 2.99
N ALA A 28 6.45 -1.18 2.19
CA ALA A 28 6.23 -1.48 0.81
C ALA A 28 6.24 -0.22 0.00
N GLU A 29 6.61 -0.32 -1.23
CA GLU A 29 6.59 0.81 -2.10
C GLU A 29 5.47 0.65 -3.10
N ILE A 30 4.72 1.69 -3.29
CA ILE A 30 3.59 1.69 -4.20
C ILE A 30 4.07 1.72 -5.64
N GLU A 31 3.68 0.72 -6.37
CA GLU A 31 4.08 0.56 -7.75
C GLU A 31 3.06 1.19 -8.68
N GLU A 32 1.81 1.10 -8.30
CA GLU A 32 0.72 1.60 -9.10
C GLU A 32 -0.49 1.80 -8.20
N ILE A 33 -1.33 2.73 -8.55
CA ILE A 33 -2.50 3.03 -7.78
C ILE A 33 -3.73 2.87 -8.65
N ASP A 34 -4.70 2.18 -8.14
CA ASP A 34 -5.96 2.03 -8.82
C ASP A 34 -6.92 2.91 -8.09
N GLU A 35 -7.00 4.12 -8.56
CA GLU A 35 -7.79 5.15 -7.96
C GLU A 35 -9.28 4.84 -8.04
N GLU A 36 -9.64 3.97 -8.95
CA GLU A 36 -11.00 3.63 -9.17
C GLU A 36 -11.53 2.78 -8.03
N ASN A 37 -10.75 1.80 -7.59
CA ASN A 37 -11.15 1.00 -6.43
C ASN A 37 -10.61 1.61 -5.17
N GLY A 38 -9.67 2.51 -5.33
CA GLY A 38 -9.00 3.08 -4.18
C GLY A 38 -8.00 2.08 -3.64
N THR A 39 -7.42 1.33 -4.52
CA THR A 39 -6.47 0.33 -4.18
C THR A 39 -5.10 0.67 -4.73
N ALA A 40 -4.09 0.02 -4.25
CA ALA A 40 -2.76 0.22 -4.73
C ALA A 40 -2.05 -1.09 -4.83
N ALA A 41 -1.22 -1.19 -5.82
CA ALA A 41 -0.39 -2.33 -6.01
C ALA A 41 0.95 -1.97 -5.42
N ILE A 42 1.37 -2.74 -4.49
CA ILE A 42 2.55 -2.41 -3.74
C ILE A 42 3.54 -3.55 -3.80
N THR A 43 4.78 -3.25 -3.61
CA THR A 43 5.80 -4.24 -3.54
C THR A 43 6.53 -4.14 -2.20
N PHE A 44 6.60 -5.25 -1.50
CA PHE A 44 7.23 -5.32 -0.21
C PHE A 44 8.72 -5.22 -0.34
N ALA A 45 9.25 -4.16 0.23
CA ALA A 45 10.67 -3.84 0.15
C ALA A 45 11.49 -4.93 0.78
N GLY A 46 12.53 -5.33 0.10
CA GLY A 46 13.40 -6.34 0.62
C GLY A 46 12.98 -7.73 0.21
N TYR A 47 11.75 -8.09 0.49
CA TYR A 47 11.24 -9.41 0.19
C TYR A 47 11.01 -9.53 -1.32
N GLY A 48 10.33 -8.55 -1.89
CA GLY A 48 10.10 -8.54 -3.31
C GLY A 48 8.77 -9.13 -3.75
N ASN A 49 7.75 -9.09 -2.90
CA ASN A 49 6.44 -9.58 -3.32
C ASN A 49 5.56 -8.41 -3.62
N ALA A 50 4.46 -8.66 -4.28
CA ALA A 50 3.57 -7.59 -4.68
C ALA A 50 2.13 -8.00 -4.44
N GLU A 51 1.33 -7.08 -3.94
CA GLU A 51 -0.06 -7.37 -3.75
C GLU A 51 -0.87 -6.09 -3.95
N VAL A 52 -2.15 -6.27 -4.19
CA VAL A 52 -3.05 -5.16 -4.36
C VAL A 52 -3.80 -4.98 -3.06
N THR A 53 -3.58 -3.89 -2.43
CA THR A 53 -4.19 -3.63 -1.16
C THR A 53 -4.79 -2.22 -1.17
N PRO A 54 -5.97 -2.02 -0.56
CA PRO A 54 -6.64 -0.72 -0.53
C PRO A 54 -5.79 0.35 0.16
N LEU A 55 -5.96 1.58 -0.29
CA LEU A 55 -5.24 2.74 0.26
C LEU A 55 -5.52 2.92 1.74
N LEU A 56 -6.67 2.42 2.17
CA LEU A 56 -7.08 2.44 3.57
C LEU A 56 -6.13 1.57 4.41
N ASN A 57 -5.61 0.51 3.79
CA ASN A 57 -4.71 -0.44 4.45
C ASN A 57 -3.30 0.04 4.44
N LEU A 58 -3.04 1.06 3.66
CA LEU A 58 -1.72 1.58 3.58
C LEU A 58 -1.49 2.55 4.70
N LYS A 59 -0.42 2.37 5.39
CA LYS A 59 -0.07 3.18 6.51
C LYS A 59 1.18 3.94 6.17
N PRO A 60 1.46 5.04 6.84
CA PRO A 60 2.67 5.77 6.60
C PRO A 60 3.85 5.05 7.24
N VAL A 61 5.02 5.22 6.67
CA VAL A 61 6.18 4.59 7.21
C VAL A 61 6.73 5.40 8.37
N GLU A 62 7.14 4.72 9.39
CA GLU A 62 7.66 5.36 10.55
C GLU A 62 9.16 5.25 10.59
N GLU A 63 9.73 6.01 11.44
CA GLU A 63 11.17 6.05 11.59
C GLU A 63 11.55 5.89 13.06
N GLY A 64 10.56 5.58 13.86
CA GLY A 64 10.76 5.38 15.24
C GLY A 64 9.89 4.27 15.68
N ALA A 1 -15.38 5.67 -10.72
CA ALA A 1 -15.68 7.01 -10.22
C ALA A 1 -16.48 6.98 -8.89
N SER A 2 -16.83 5.80 -8.40
CA SER A 2 -17.59 5.70 -7.17
C SER A 2 -16.70 5.82 -5.93
N THR A 3 -15.45 5.51 -6.10
CA THR A 3 -14.56 5.46 -4.98
C THR A 3 -13.81 6.78 -4.82
N GLN A 4 -14.16 7.51 -3.79
CA GLN A 4 -13.47 8.73 -3.43
C GLN A 4 -12.52 8.40 -2.29
N PRO A 5 -11.21 8.29 -2.56
CA PRO A 5 -10.22 7.93 -1.55
C PRO A 5 -10.07 8.99 -0.46
N THR A 6 -9.84 8.53 0.74
CA THR A 6 -9.64 9.39 1.87
C THR A 6 -8.13 9.54 2.14
N HIS A 7 -7.32 8.71 1.50
CA HIS A 7 -5.87 8.76 1.68
C HIS A 7 -5.18 9.03 0.35
N SER A 8 -4.27 9.96 0.35
CA SER A 8 -3.56 10.33 -0.85
C SER A 8 -2.22 9.61 -0.90
N TRP A 9 -2.07 8.75 -1.87
CA TRP A 9 -0.85 8.00 -2.07
C TRP A 9 -0.32 8.25 -3.46
N LYS A 10 0.99 8.13 -3.62
CA LYS A 10 1.59 8.29 -4.92
C LYS A 10 2.53 7.13 -5.22
N VAL A 11 2.74 6.88 -6.48
CA VAL A 11 3.67 5.87 -6.94
C VAL A 11 5.09 6.25 -6.52
N GLY A 12 5.82 5.29 -6.00
CA GLY A 12 7.18 5.55 -5.60
C GLY A 12 7.28 5.89 -4.13
N ASP A 13 6.16 5.86 -3.45
CA ASP A 13 6.13 6.18 -2.04
C ASP A 13 6.18 4.91 -1.28
N LYS A 14 6.69 4.97 -0.12
CA LYS A 14 6.70 3.84 0.67
C LYS A 14 5.70 3.94 1.74
N CYS A 15 4.98 2.92 1.85
CA CYS A 15 3.92 2.84 2.78
C CYS A 15 4.03 1.57 3.58
N MET A 16 3.16 1.45 4.52
CA MET A 16 3.02 0.27 5.30
C MET A 16 1.85 -0.47 4.79
N ALA A 17 2.04 -1.72 4.52
CA ALA A 17 1.01 -2.53 3.95
C ALA A 17 0.84 -3.77 4.76
N VAL A 18 -0.38 -4.22 4.88
CA VAL A 18 -0.68 -5.40 5.63
C VAL A 18 -0.55 -6.60 4.73
N TRP A 19 0.41 -7.44 5.02
CA TRP A 19 0.66 -8.63 4.27
C TRP A 19 -0.45 -9.56 4.47
N SER A 20 -1.10 -9.82 3.40
CA SER A 20 -2.23 -10.66 3.34
C SER A 20 -1.94 -12.08 3.87
N GLU A 21 -0.70 -12.47 3.83
CA GLU A 21 -0.30 -13.79 4.25
C GLU A 21 -0.18 -13.90 5.77
N ASP A 22 0.40 -12.89 6.41
CA ASP A 22 0.64 -12.99 7.86
C ASP A 22 -0.31 -12.10 8.67
N GLY A 23 -0.87 -11.12 8.03
CA GLY A 23 -1.80 -10.22 8.70
C GLY A 23 -1.10 -9.07 9.42
N GLN A 24 0.17 -8.87 9.15
CA GLN A 24 0.93 -7.79 9.78
C GLN A 24 1.35 -6.76 8.77
N CYS A 25 1.83 -5.63 9.23
CA CYS A 25 2.21 -4.56 8.34
C CYS A 25 3.71 -4.56 8.08
N TYR A 26 4.05 -4.43 6.83
CA TYR A 26 5.41 -4.45 6.37
C TYR A 26 5.60 -3.30 5.40
N GLU A 27 6.83 -2.87 5.24
CA GLU A 27 7.14 -1.74 4.40
C GLU A 27 7.04 -2.12 2.93
N ALA A 28 6.30 -1.35 2.18
CA ALA A 28 6.09 -1.63 0.79
C ALA A 28 6.01 -0.35 0.00
N GLU A 29 6.53 -0.37 -1.19
CA GLU A 29 6.54 0.79 -2.03
C GLU A 29 5.43 0.65 -3.07
N ILE A 30 4.69 1.71 -3.24
CA ILE A 30 3.59 1.74 -4.19
C ILE A 30 4.10 1.79 -5.63
N GLU A 31 3.69 0.82 -6.39
CA GLU A 31 4.06 0.68 -7.78
C GLU A 31 3.04 1.29 -8.70
N GLU A 32 1.77 1.16 -8.35
CA GLU A 32 0.69 1.65 -9.18
C GLU A 32 -0.53 1.84 -8.32
N ILE A 33 -1.31 2.84 -8.66
CA ILE A 33 -2.50 3.17 -7.92
C ILE A 33 -3.71 3.03 -8.80
N ASP A 34 -4.69 2.34 -8.30
CA ASP A 34 -5.94 2.17 -8.97
C ASP A 34 -6.97 3.02 -8.26
N GLU A 35 -7.14 4.22 -8.74
CA GLU A 35 -8.09 5.18 -8.16
C GLU A 35 -9.54 4.72 -8.32
N GLU A 36 -9.75 3.80 -9.26
CA GLU A 36 -11.06 3.27 -9.56
C GLU A 36 -11.63 2.53 -8.34
N ASN A 37 -10.79 1.76 -7.70
CA ASN A 37 -11.17 1.00 -6.51
C ASN A 37 -10.57 1.60 -5.26
N GLY A 38 -9.67 2.53 -5.46
CA GLY A 38 -8.97 3.12 -4.36
C GLY A 38 -7.96 2.13 -3.81
N THR A 39 -7.44 1.30 -4.69
CA THR A 39 -6.48 0.30 -4.29
C THR A 39 -5.12 0.59 -4.90
N ALA A 40 -4.09 0.11 -4.30
CA ALA A 40 -2.77 0.33 -4.81
C ALA A 40 -2.01 -0.96 -4.84
N ALA A 41 -1.18 -1.09 -5.83
CA ALA A 41 -0.33 -2.22 -5.96
C ALA A 41 0.99 -1.87 -5.34
N ILE A 42 1.40 -2.64 -4.40
CA ILE A 42 2.58 -2.33 -3.62
C ILE A 42 3.56 -3.47 -3.67
N THR A 43 4.82 -3.15 -3.61
CA THR A 43 5.86 -4.14 -3.57
C THR A 43 6.58 -4.07 -2.23
N PHE A 44 6.60 -5.19 -1.54
CA PHE A 44 7.22 -5.30 -0.24
C PHE A 44 8.71 -5.16 -0.35
N ALA A 45 9.23 -4.18 0.36
CA ALA A 45 10.64 -3.83 0.31
C ALA A 45 11.48 -4.96 0.85
N GLY A 46 12.51 -5.30 0.11
CA GLY A 46 13.40 -6.35 0.52
C GLY A 46 12.94 -7.70 0.05
N TYR A 47 11.75 -8.10 0.45
CA TYR A 47 11.20 -9.39 0.11
C TYR A 47 10.92 -9.47 -1.38
N GLY A 48 10.24 -8.47 -1.89
CA GLY A 48 10.00 -8.41 -3.31
C GLY A 48 8.65 -8.94 -3.77
N ASN A 49 7.66 -9.02 -2.89
CA ASN A 49 6.33 -9.46 -3.35
C ASN A 49 5.48 -8.28 -3.67
N ALA A 50 4.34 -8.50 -4.24
CA ALA A 50 3.49 -7.43 -4.63
C ALA A 50 2.05 -7.81 -4.41
N GLU A 51 1.30 -6.93 -3.83
CA GLU A 51 -0.10 -7.17 -3.64
C GLU A 51 -0.87 -5.90 -3.89
N VAL A 52 -2.14 -6.04 -4.18
CA VAL A 52 -3.00 -4.90 -4.38
C VAL A 52 -3.85 -4.75 -3.14
N THR A 53 -3.60 -3.70 -2.44
CA THR A 53 -4.23 -3.46 -1.19
C THR A 53 -4.82 -2.02 -1.19
N PRO A 54 -6.02 -1.83 -0.61
CA PRO A 54 -6.68 -0.53 -0.59
C PRO A 54 -5.85 0.54 0.10
N LEU A 55 -6.01 1.77 -0.34
CA LEU A 55 -5.30 2.94 0.20
C LEU A 55 -5.58 3.12 1.69
N LEU A 56 -6.73 2.62 2.12
CA LEU A 56 -7.15 2.66 3.51
C LEU A 56 -6.24 1.78 4.37
N ASN A 57 -5.75 0.70 3.76
CA ASN A 57 -4.91 -0.27 4.45
C ASN A 57 -3.49 0.20 4.50
N LEU A 58 -3.16 1.12 3.64
CA LEU A 58 -1.83 1.66 3.57
C LEU A 58 -1.62 2.68 4.65
N LYS A 59 -0.56 2.54 5.35
CA LYS A 59 -0.24 3.45 6.42
C LYS A 59 1.02 4.23 6.06
N PRO A 60 1.17 5.45 6.58
CA PRO A 60 2.37 6.23 6.36
C PRO A 60 3.54 5.64 7.14
N VAL A 61 4.73 5.77 6.62
CA VAL A 61 5.89 5.17 7.25
C VAL A 61 6.49 6.07 8.34
N GLU A 62 6.64 5.52 9.52
CA GLU A 62 7.29 6.17 10.61
C GLU A 62 8.38 5.25 11.14
N GLU A 63 9.48 5.84 11.60
CA GLU A 63 10.60 5.11 12.22
C GLU A 63 11.43 4.30 11.20
N GLY A 64 10.92 4.19 10.01
CA GLY A 64 11.54 3.47 8.98
C GLY A 64 11.44 4.23 7.70
N ALA A 1 -15.01 6.05 -9.74
CA ALA A 1 -15.11 5.76 -8.34
C ALA A 1 -16.01 6.78 -7.69
N SER A 2 -17.05 6.31 -7.06
CA SER A 2 -17.97 7.17 -6.36
C SER A 2 -17.39 7.56 -5.02
N THR A 3 -16.61 6.69 -4.48
CA THR A 3 -15.99 6.89 -3.23
C THR A 3 -14.53 7.25 -3.46
N GLN A 4 -14.07 8.30 -2.82
CA GLN A 4 -12.70 8.66 -2.92
C GLN A 4 -12.01 8.29 -1.61
N PRO A 5 -10.89 7.55 -1.67
CA PRO A 5 -10.14 7.16 -0.48
C PRO A 5 -9.59 8.37 0.26
N THR A 6 -9.55 8.28 1.57
CA THR A 6 -9.08 9.35 2.40
C THR A 6 -7.57 9.48 2.30
N HIS A 7 -6.92 8.38 2.06
CA HIS A 7 -5.49 8.36 1.96
C HIS A 7 -5.03 8.74 0.57
N SER A 8 -4.23 9.76 0.50
CA SER A 8 -3.68 10.24 -0.72
C SER A 8 -2.27 9.66 -0.88
N TRP A 9 -2.12 8.75 -1.81
CA TRP A 9 -0.86 8.06 -2.04
C TRP A 9 -0.34 8.31 -3.44
N LYS A 10 0.98 8.24 -3.61
CA LYS A 10 1.58 8.39 -4.93
C LYS A 10 2.51 7.20 -5.25
N VAL A 11 2.77 7.00 -6.52
CA VAL A 11 3.70 5.98 -7.00
C VAL A 11 5.13 6.28 -6.52
N GLY A 12 5.80 5.27 -6.01
CA GLY A 12 7.16 5.45 -5.54
C GLY A 12 7.21 5.95 -4.12
N ASP A 13 6.13 5.77 -3.40
CA ASP A 13 6.08 6.18 -2.02
C ASP A 13 6.32 4.99 -1.18
N LYS A 14 6.79 5.19 -0.02
CA LYS A 14 6.97 4.11 0.85
C LYS A 14 5.80 4.10 1.77
N CYS A 15 5.21 3.01 1.88
CA CYS A 15 4.06 2.86 2.71
C CYS A 15 4.15 1.58 3.47
N MET A 16 3.30 1.43 4.41
CA MET A 16 3.21 0.21 5.12
C MET A 16 1.97 -0.44 4.64
N ALA A 17 2.10 -1.64 4.26
CA ALA A 17 0.99 -2.38 3.73
C ALA A 17 0.74 -3.56 4.60
N VAL A 18 -0.48 -3.98 4.64
CA VAL A 18 -0.83 -5.14 5.38
C VAL A 18 -0.63 -6.32 4.50
N TRP A 19 0.32 -7.16 4.86
CA TRP A 19 0.62 -8.33 4.09
C TRP A 19 -0.52 -9.27 4.21
N SER A 20 -1.16 -9.52 3.10
CA SER A 20 -2.36 -10.32 3.03
C SER A 20 -2.09 -11.78 3.50
N GLU A 21 -0.83 -12.16 3.56
CA GLU A 21 -0.45 -13.49 4.00
C GLU A 21 -0.36 -13.59 5.52
N ASP A 22 0.09 -12.52 6.16
CA ASP A 22 0.33 -12.58 7.61
C ASP A 22 -0.66 -11.73 8.40
N GLY A 23 -1.27 -10.79 7.72
CA GLY A 23 -2.24 -9.91 8.34
C GLY A 23 -1.60 -8.75 9.08
N GLN A 24 -0.30 -8.59 8.92
CA GLN A 24 0.44 -7.54 9.62
C GLN A 24 0.97 -6.53 8.64
N CYS A 25 1.45 -5.41 9.14
CA CYS A 25 1.91 -4.35 8.27
C CYS A 25 3.42 -4.37 8.10
N TYR A 26 3.85 -4.22 6.86
CA TYR A 26 5.24 -4.28 6.46
C TYR A 26 5.51 -3.16 5.47
N GLU A 27 6.76 -2.76 5.35
CA GLU A 27 7.15 -1.67 4.45
C GLU A 27 7.13 -2.12 2.99
N ALA A 28 6.41 -1.39 2.18
CA ALA A 28 6.23 -1.68 0.79
C ALA A 28 6.19 -0.39 -0.01
N GLU A 29 6.57 -0.46 -1.25
CA GLU A 29 6.54 0.69 -2.09
C GLU A 29 5.42 0.56 -3.10
N ILE A 30 4.72 1.62 -3.30
CA ILE A 30 3.62 1.67 -4.25
C ILE A 30 4.14 1.72 -5.68
N GLU A 31 3.73 0.75 -6.44
CA GLU A 31 4.13 0.59 -7.83
C GLU A 31 3.11 1.24 -8.76
N GLU A 32 1.86 1.21 -8.35
CA GLU A 32 0.76 1.76 -9.13
C GLU A 32 -0.45 1.89 -8.23
N ILE A 33 -1.30 2.85 -8.51
CA ILE A 33 -2.47 3.12 -7.71
C ILE A 33 -3.70 3.00 -8.57
N ASP A 34 -4.71 2.37 -8.06
CA ASP A 34 -5.97 2.25 -8.74
C ASP A 34 -7.03 2.94 -7.92
N GLU A 35 -7.22 4.19 -8.19
CA GLU A 35 -8.18 5.01 -7.48
C GLU A 35 -9.63 4.59 -7.72
N GLU A 36 -9.84 3.81 -8.78
CA GLU A 36 -11.16 3.32 -9.15
C GLU A 36 -11.67 2.36 -8.05
N ASN A 37 -10.80 1.51 -7.57
CA ASN A 37 -11.13 0.60 -6.46
C ASN A 37 -10.64 1.16 -5.16
N GLY A 38 -9.77 2.14 -5.25
CA GLY A 38 -9.18 2.72 -4.08
C GLY A 38 -8.06 1.84 -3.58
N THR A 39 -7.47 1.11 -4.49
CA THR A 39 -6.43 0.19 -4.16
C THR A 39 -5.11 0.61 -4.75
N ALA A 40 -4.06 -0.01 -4.31
CA ALA A 40 -2.75 0.24 -4.84
C ALA A 40 -1.98 -1.04 -4.92
N ALA A 41 -1.19 -1.16 -5.93
CA ALA A 41 -0.33 -2.28 -6.10
C ALA A 41 0.98 -1.93 -5.47
N ILE A 42 1.38 -2.69 -4.53
CA ILE A 42 2.54 -2.39 -3.76
C ILE A 42 3.52 -3.55 -3.80
N THR A 43 4.77 -3.26 -3.64
CA THR A 43 5.78 -4.25 -3.60
C THR A 43 6.56 -4.13 -2.30
N PHE A 44 6.59 -5.21 -1.56
CA PHE A 44 7.24 -5.27 -0.27
C PHE A 44 8.72 -5.13 -0.41
N ALA A 45 9.26 -4.15 0.26
CA ALA A 45 10.66 -3.83 0.16
C ALA A 45 11.49 -4.92 0.80
N GLY A 46 12.56 -5.28 0.14
CA GLY A 46 13.42 -6.30 0.65
C GLY A 46 13.00 -7.68 0.22
N TYR A 47 11.78 -8.07 0.59
CA TYR A 47 11.27 -9.39 0.28
C TYR A 47 11.03 -9.52 -1.23
N GLY A 48 10.34 -8.55 -1.81
CA GLY A 48 10.10 -8.57 -3.24
C GLY A 48 8.77 -9.18 -3.67
N ASN A 49 7.75 -9.08 -2.84
CA ASN A 49 6.41 -9.55 -3.25
C ASN A 49 5.56 -8.39 -3.59
N ALA A 50 4.49 -8.63 -4.27
CA ALA A 50 3.61 -7.57 -4.70
C ALA A 50 2.18 -7.98 -4.50
N GLU A 51 1.41 -7.09 -3.95
CA GLU A 51 0.01 -7.34 -3.75
C GLU A 51 -0.76 -6.06 -3.97
N VAL A 52 -2.02 -6.20 -4.24
CA VAL A 52 -2.89 -5.06 -4.39
C VAL A 52 -3.69 -4.89 -3.13
N THR A 53 -3.44 -3.84 -2.45
CA THR A 53 -4.06 -3.60 -1.17
C THR A 53 -4.71 -2.21 -1.19
N PRO A 54 -5.90 -2.05 -0.56
CA PRO A 54 -6.58 -0.77 -0.51
C PRO A 54 -5.74 0.30 0.18
N LEU A 55 -5.91 1.53 -0.26
CA LEU A 55 -5.20 2.69 0.29
C LEU A 55 -5.46 2.83 1.78
N LEU A 56 -6.60 2.33 2.22
CA LEU A 56 -7.00 2.34 3.61
C LEU A 56 -6.05 1.50 4.44
N ASN A 57 -5.48 0.51 3.81
CA ASN A 57 -4.57 -0.41 4.45
C ASN A 57 -3.15 0.09 4.43
N LEU A 58 -2.93 1.19 3.74
CA LEU A 58 -1.62 1.75 3.64
C LEU A 58 -1.39 2.79 4.72
N LYS A 59 -0.28 2.66 5.38
CA LYS A 59 0.12 3.60 6.41
C LYS A 59 1.38 4.32 5.97
N PRO A 60 1.65 5.51 6.48
CA PRO A 60 2.89 6.21 6.20
C PRO A 60 4.04 5.58 6.98
N VAL A 61 5.20 5.46 6.34
CA VAL A 61 6.34 4.85 6.98
C VAL A 61 6.96 5.81 7.99
N GLU A 62 7.66 5.27 8.94
CA GLU A 62 8.33 6.10 9.90
C GLU A 62 9.71 6.44 9.36
N GLU A 63 10.15 7.64 9.60
CA GLU A 63 11.40 8.09 9.05
C GLU A 63 12.53 7.91 10.05
N GLY A 64 13.65 7.48 9.56
CA GLY A 64 14.79 7.27 10.38
C GLY A 64 15.80 6.51 9.60
N ALA A 1 -13.72 3.04 -5.03
CA ALA A 1 -15.11 3.50 -4.92
C ALA A 1 -15.60 3.33 -3.49
N SER A 2 -16.50 4.21 -3.07
CA SER A 2 -17.18 4.19 -1.77
C SER A 2 -16.23 4.47 -0.58
N THR A 3 -15.30 3.58 -0.34
CA THR A 3 -14.40 3.67 0.76
C THR A 3 -13.29 4.68 0.44
N GLN A 4 -13.36 5.83 1.04
CA GLN A 4 -12.42 6.89 0.77
C GLN A 4 -11.30 6.85 1.82
N PRO A 5 -10.06 6.65 1.40
CA PRO A 5 -8.91 6.58 2.31
C PRO A 5 -8.53 7.97 2.84
N THR A 6 -7.99 8.02 4.04
CA THR A 6 -7.60 9.28 4.64
C THR A 6 -6.12 9.61 4.35
N HIS A 7 -5.47 8.72 3.64
CA HIS A 7 -4.07 8.89 3.30
C HIS A 7 -3.93 9.06 1.80
N SER A 8 -3.25 10.09 1.38
CA SER A 8 -3.01 10.33 -0.02
C SER A 8 -1.72 9.66 -0.43
N TRP A 9 -1.77 8.85 -1.45
CA TRP A 9 -0.63 8.10 -1.89
C TRP A 9 -0.27 8.41 -3.32
N LYS A 10 1.00 8.27 -3.64
CA LYS A 10 1.49 8.46 -4.98
C LYS A 10 2.39 7.29 -5.36
N VAL A 11 2.59 7.10 -6.66
CA VAL A 11 3.48 6.08 -7.16
C VAL A 11 4.92 6.37 -6.72
N GLY A 12 5.56 5.38 -6.13
CA GLY A 12 6.91 5.53 -5.66
C GLY A 12 6.98 6.02 -4.23
N ASP A 13 5.91 5.85 -3.50
CA ASP A 13 5.89 6.26 -2.11
C ASP A 13 6.09 5.07 -1.26
N LYS A 14 6.59 5.29 -0.10
CA LYS A 14 6.78 4.26 0.83
C LYS A 14 5.57 4.20 1.72
N CYS A 15 5.04 3.05 1.87
CA CYS A 15 3.91 2.84 2.71
C CYS A 15 4.08 1.55 3.47
N MET A 16 3.19 1.27 4.34
CA MET A 16 3.19 0.02 5.02
C MET A 16 1.91 -0.65 4.68
N ALA A 17 2.01 -1.87 4.29
CA ALA A 17 0.88 -2.63 3.87
C ALA A 17 0.74 -3.81 4.78
N VAL A 18 -0.46 -4.27 4.91
CA VAL A 18 -0.72 -5.43 5.70
C VAL A 18 -0.57 -6.63 4.81
N TRP A 19 0.42 -7.43 5.09
CA TRP A 19 0.71 -8.61 4.31
C TRP A 19 -0.40 -9.57 4.51
N SER A 20 -1.12 -9.86 3.46
CA SER A 20 -2.30 -10.71 3.50
C SER A 20 -1.95 -12.15 3.97
N GLU A 21 -0.68 -12.49 3.93
CA GLU A 21 -0.27 -13.82 4.30
C GLU A 21 -0.09 -13.95 5.80
N ASP A 22 0.48 -12.95 6.44
CA ASP A 22 0.81 -13.06 7.86
C ASP A 22 -0.09 -12.18 8.72
N GLY A 23 -0.71 -11.20 8.11
CA GLY A 23 -1.62 -10.31 8.82
C GLY A 23 -0.91 -9.20 9.57
N GLN A 24 0.33 -8.96 9.22
CA GLN A 24 1.13 -7.92 9.87
C GLN A 24 1.47 -6.82 8.89
N CYS A 25 1.98 -5.73 9.40
CA CYS A 25 2.31 -4.60 8.54
C CYS A 25 3.80 -4.55 8.22
N TYR A 26 4.10 -4.33 6.95
CA TYR A 26 5.45 -4.32 6.43
C TYR A 26 5.61 -3.17 5.46
N GLU A 27 6.83 -2.72 5.24
CA GLU A 27 7.09 -1.62 4.32
C GLU A 27 6.95 -2.10 2.89
N ALA A 28 6.21 -1.36 2.14
CA ALA A 28 5.98 -1.64 0.77
C ALA A 28 5.97 -0.36 -0.01
N GLU A 29 6.42 -0.41 -1.21
CA GLU A 29 6.43 0.75 -2.05
C GLU A 29 5.34 0.62 -3.10
N ILE A 30 4.65 1.69 -3.32
CA ILE A 30 3.55 1.73 -4.27
C ILE A 30 4.04 1.79 -5.71
N GLU A 31 3.60 0.82 -6.46
CA GLU A 31 3.96 0.67 -7.86
C GLU A 31 2.92 1.32 -8.76
N GLU A 32 1.68 1.25 -8.35
CA GLU A 32 0.58 1.77 -9.14
C GLU A 32 -0.61 2.01 -8.25
N ILE A 33 -1.42 2.99 -8.59
CA ILE A 33 -2.59 3.34 -7.85
C ILE A 33 -3.79 3.27 -8.76
N ASP A 34 -4.75 2.50 -8.37
CA ASP A 34 -5.99 2.38 -9.06
C ASP A 34 -6.97 3.24 -8.32
N GLU A 35 -7.14 4.44 -8.80
CA GLU A 35 -8.00 5.40 -8.14
C GLU A 35 -9.46 4.98 -8.16
N GLU A 36 -9.80 4.13 -9.10
CA GLU A 36 -11.16 3.71 -9.29
C GLU A 36 -11.63 2.83 -8.13
N ASN A 37 -10.78 1.95 -7.70
CA ASN A 37 -11.09 1.09 -6.57
C ASN A 37 -10.52 1.66 -5.32
N GLY A 38 -9.62 2.61 -5.48
CA GLY A 38 -8.92 3.18 -4.36
C GLY A 38 -7.88 2.19 -3.86
N THR A 39 -7.34 1.43 -4.77
CA THR A 39 -6.39 0.42 -4.43
C THR A 39 -5.01 0.73 -4.98
N ALA A 40 -4.02 0.13 -4.38
CA ALA A 40 -2.67 0.33 -4.81
C ALA A 40 -1.96 -0.99 -4.90
N ALA A 41 -1.21 -1.12 -5.94
CA ALA A 41 -0.38 -2.26 -6.12
C ALA A 41 0.93 -1.94 -5.48
N ILE A 42 1.32 -2.73 -4.53
CA ILE A 42 2.46 -2.43 -3.72
C ILE A 42 3.44 -3.57 -3.76
N THR A 43 4.69 -3.25 -3.63
CA THR A 43 5.72 -4.24 -3.57
C THR A 43 6.44 -4.15 -2.22
N PHE A 44 6.52 -5.28 -1.55
CA PHE A 44 7.13 -5.36 -0.24
C PHE A 44 8.62 -5.23 -0.35
N ALA A 45 9.12 -4.19 0.26
CA ALA A 45 10.49 -3.83 0.18
C ALA A 45 11.38 -4.80 0.95
N GLY A 46 12.35 -5.35 0.27
CA GLY A 46 13.27 -6.26 0.89
C GLY A 46 12.93 -7.71 0.63
N TYR A 47 11.66 -8.02 0.70
CA TYR A 47 11.20 -9.36 0.47
C TYR A 47 10.98 -9.61 -1.03
N GLY A 48 10.27 -8.70 -1.68
CA GLY A 48 10.06 -8.83 -3.10
C GLY A 48 8.70 -9.39 -3.51
N ASN A 49 7.68 -9.24 -2.69
CA ASN A 49 6.32 -9.64 -3.11
C ASN A 49 5.56 -8.44 -3.51
N ALA A 50 4.44 -8.65 -4.14
CA ALA A 50 3.62 -7.57 -4.59
C ALA A 50 2.17 -7.96 -4.49
N GLU A 51 1.35 -7.09 -3.93
CA GLU A 51 -0.05 -7.36 -3.80
C GLU A 51 -0.83 -6.08 -4.02
N VAL A 52 -2.09 -6.21 -4.33
CA VAL A 52 -2.94 -5.05 -4.51
C VAL A 52 -3.76 -4.87 -3.25
N THR A 53 -3.52 -3.80 -2.58
CA THR A 53 -4.17 -3.55 -1.32
C THR A 53 -4.74 -2.12 -1.35
N PRO A 54 -5.95 -1.90 -0.79
CA PRO A 54 -6.59 -0.60 -0.76
C PRO A 54 -5.74 0.45 -0.04
N LEU A 55 -5.85 1.69 -0.49
CA LEU A 55 -5.14 2.83 0.10
C LEU A 55 -5.46 2.99 1.58
N LEU A 56 -6.64 2.52 1.95
CA LEU A 56 -7.09 2.54 3.33
C LEU A 56 -6.18 1.66 4.20
N ASN A 57 -5.67 0.59 3.60
CA ASN A 57 -4.84 -0.38 4.30
C ASN A 57 -3.42 0.11 4.42
N LEU A 58 -3.08 1.11 3.64
CA LEU A 58 -1.75 1.63 3.60
C LEU A 58 -1.50 2.62 4.71
N LYS A 59 -0.39 2.44 5.39
CA LYS A 59 0.02 3.31 6.46
C LYS A 59 1.29 4.01 6.06
N PRO A 60 1.62 5.14 6.69
CA PRO A 60 2.91 5.79 6.45
C PRO A 60 4.02 4.99 7.12
N VAL A 61 5.19 5.03 6.56
CA VAL A 61 6.30 4.29 7.12
C VAL A 61 6.85 5.01 8.34
N GLU A 62 7.27 4.25 9.31
CA GLU A 62 7.78 4.81 10.53
C GLU A 62 9.25 5.19 10.36
N GLU A 63 9.65 6.19 11.09
CA GLU A 63 11.01 6.71 11.03
C GLU A 63 11.86 6.11 12.13
N GLY A 64 11.26 5.27 12.91
CA GLY A 64 11.91 4.63 13.98
C GLY A 64 10.90 4.13 14.92
#